data_7KUR
#
_entry.id   7KUR
#
_cell.length_a   80.560
_cell.length_b   80.560
_cell.length_c   245.710
_cell.angle_alpha   90.000
_cell.angle_beta   90.000
_cell.angle_gamma   120.000
#
_symmetry.space_group_name_H-M   'P 31 2 1'
#
loop_
_entity.id
_entity.type
_entity.pdbx_description
1 polymer 'Polyamine deacetylase HDAC10'
2 non-polymer N-(4-aminobutyl)acetamide
3 non-polymer DI(HYDROXYETHYL)ETHER
4 non-polymer 'ZINC ION'
5 non-polymer 'POTASSIUM ION'
6 non-polymer 'PHOSPHATE ION'
7 non-polymer 'SODIUM ION'
8 water water
#
_entity_poly.entity_id   1
_entity_poly.type   'polypeptide(L)'
_entity_poly.pdbx_seq_one_letter_code
;SNAASGSALIFDEEMSRYKLLWTDPECEIEVPERLTVSYEALRTHGLAQRCKAVPVRQATEQEILLAHSEEYLEAVKQTP
GMNVEELMAFSKKYNAVYFHQNIYHCAKLAAGATLQLVDSVMKREVRNGMALVRPPGHHSQRSAANGFCVFNNVAFAALY
AKKNYNLNRILIVDWDVHHGQGIQYCFEEDPSVLYFSWHRYEHQSFWPNLPESDYSSVGKGKGSGFNINLPWNKVGMTNS
DYLAAFFHVLLPVAYEFDPELVIVSAGFDSAIGDPEGEMCALPEIFAHLTHLLMPLAAGKMCVVLEGGFNLTSLGQSVCQ
TVHSLLGDPTPRISGLGTACDSALESIQNVRNVQSSYWSSFKHLAQSETNPKRPRLDATNGGPKESSEPASESNPKKTAQ
DIVWPEPLKRMPASVRTVVVPPPGVELTLPKNCQHSGDISESTAKEVQRIRDKHFHDLTDQNILRSLGNIISVLDRMMRS
DEVCNGCVVVSDLSVSVQCALQHALTEPAERVLVVYVGDGELPVKTNDGKVFLVQICTKETEDKCVNRLTLCLREGESLT
AGFMQALLGLILPVAYEFNPALVLGIVEETAAKTRLMRVWGHMTCLIQGLARGRMLTLLQGYDKDLLELTVSALSGASIS
PLGPLRAPKPEDVEMMEKQRQRLQERWGLLRCTVSESW
;
_entity_poly.pdbx_strand_id   A
#
loop_
_chem_comp.id
_chem_comp.type
_chem_comp.name
_chem_comp.formula
K non-polymer 'POTASSIUM ION' 'K 1'
NA non-polymer 'SODIUM ION' 'Na 1'
PEG non-polymer DI(HYDROXYETHYL)ETHER 'C4 H10 O3'
PO4 non-polymer 'PHOSPHATE ION' 'O4 P -3'
X5A non-polymer N-(4-aminobutyl)acetamide 'C6 H14 N2 O'
ZN non-polymer 'ZINC ION' 'Zn 2'
#
# COMPACT_ATOMS: atom_id res chain seq x y z
N ALA A 3 4.20 -19.63 10.41
CA ALA A 3 4.05 -18.38 9.66
C ALA A 3 4.06 -17.21 10.62
N ALA A 4 4.77 -16.15 10.25
CA ALA A 4 4.98 -15.03 11.16
C ALA A 4 3.67 -14.33 11.47
N SER A 5 3.59 -13.78 12.67
CA SER A 5 2.43 -13.01 13.09
C SER A 5 2.91 -11.83 13.91
N GLY A 6 2.08 -10.79 14.01
CA GLY A 6 2.39 -9.64 14.82
C GLY A 6 3.21 -8.59 14.08
N SER A 7 3.28 -7.40 14.69
CA SER A 7 3.95 -6.23 14.13
C SER A 7 4.89 -5.67 15.19
N ALA A 8 6.15 -5.44 14.82
CA ALA A 8 7.11 -4.86 15.75
C ALA A 8 6.97 -3.34 15.80
N LEU A 9 7.14 -2.78 17.00
CA LEU A 9 7.25 -1.35 17.17
C LEU A 9 8.56 -1.08 17.91
N ILE A 10 9.50 -0.42 17.26
CA ILE A 10 10.79 -0.15 17.85
C ILE A 10 10.84 1.34 18.14
N PHE A 11 11.10 1.68 19.41
CA PHE A 11 11.10 3.07 19.84
C PHE A 11 11.89 3.17 21.13
N ASP A 12 12.53 4.33 21.33
CA ASP A 12 13.20 4.60 22.59
C ASP A 12 13.25 6.09 22.84
N GLU A 13 12.87 6.46 24.07
CA GLU A 13 12.90 7.83 24.55
C GLU A 13 14.25 8.50 24.35
N GLU A 14 15.33 7.71 24.34
CA GLU A 14 16.66 8.30 24.23
C GLU A 14 16.83 9.09 22.94
N MET A 15 16.19 8.64 21.86
CA MET A 15 16.33 9.35 20.59
C MET A 15 15.65 10.71 20.61
N SER A 16 14.89 11.02 21.66
CA SER A 16 14.33 12.36 21.81
C SER A 16 15.27 13.28 22.59
N ARG A 17 16.48 12.82 22.95
CA ARG A 17 17.33 13.59 23.85
C ARG A 17 18.49 14.23 23.09
N TYR A 18 18.17 14.87 21.97
CA TYR A 18 19.06 15.81 21.31
C TYR A 18 18.14 16.76 20.56
N LYS A 19 18.59 18.01 20.43
CA LYS A 19 17.79 19.06 19.82
C LYS A 19 18.72 20.16 19.35
N LEU A 20 18.14 21.16 18.68
CA LEU A 20 18.88 22.29 18.14
C LEU A 20 19.21 23.28 19.23
N LEU A 21 20.46 23.76 19.26
CA LEU A 21 20.95 24.59 20.35
C LEU A 21 21.22 26.03 19.96
N TRP A 22 21.02 26.41 18.71
CA TRP A 22 21.18 27.79 18.28
C TRP A 22 20.05 28.12 17.33
N THR A 23 19.93 29.41 17.00
CA THR A 23 18.87 29.85 16.11
C THR A 23 19.17 29.40 14.67
N ASP A 24 18.17 28.86 14.02
CA ASP A 24 18.27 28.43 12.64
C ASP A 24 16.88 28.07 12.16
N PRO A 25 16.20 28.98 11.45
CA PRO A 25 14.82 28.69 11.02
C PRO A 25 14.72 27.47 10.12
N GLU A 26 15.79 27.13 9.40
CA GLU A 26 15.73 25.99 8.50
C GLU A 26 15.65 24.67 9.28
N CYS A 27 16.33 24.60 10.44
CA CYS A 27 16.44 23.37 11.21
C CYS A 27 15.45 23.27 12.37
N GLU A 28 14.85 24.39 12.76
CA GLU A 28 14.08 24.43 14.00
C GLU A 28 12.82 23.57 13.95
N ILE A 29 12.40 23.13 12.76
CA ILE A 29 11.24 22.25 12.66
C ILE A 29 11.54 20.81 13.10
N GLU A 30 12.81 20.41 13.18
CA GLU A 30 13.13 19.02 13.52
C GLU A 30 13.33 18.96 15.03
N VAL A 31 12.32 18.48 15.75
CA VAL A 31 12.27 18.60 17.21
C VAL A 31 12.12 17.24 17.86
N PRO A 32 12.59 17.09 19.11
CA PRO A 32 12.36 15.85 19.86
C PRO A 32 10.90 15.43 19.91
N GLU A 33 9.96 16.39 19.98
CA GLU A 33 8.55 16.09 20.17
C GLU A 33 7.94 15.32 19.00
N ARG A 34 8.58 15.33 17.82
CA ARG A 34 8.14 14.47 16.73
C ARG A 34 8.03 13.02 17.20
N LEU A 35 9.02 12.57 17.96
CA LEU A 35 8.99 11.18 18.45
C LEU A 35 7.94 11.02 19.55
N THR A 36 7.96 11.92 20.53
CA THR A 36 7.10 11.77 21.71
C THR A 36 5.63 11.84 21.30
N VAL A 37 5.28 12.82 20.45
CA VAL A 37 3.91 12.91 19.95
C VAL A 37 3.51 11.66 19.17
N SER A 38 4.43 11.11 18.38
CA SER A 38 4.07 9.94 17.56
C SER A 38 3.83 8.70 18.42
N TYR A 39 4.70 8.42 19.38
CA TYR A 39 4.50 7.26 20.25
C TYR A 39 3.24 7.42 21.09
N GLU A 40 3.07 8.61 21.70
CA GLU A 40 1.90 8.87 22.53
C GLU A 40 0.61 8.78 21.72
N ALA A 41 0.65 9.14 20.43
CA ALA A 41 -0.52 8.95 19.58
C ALA A 41 -0.80 7.46 19.40
N LEU A 42 0.24 6.66 19.22
CA LEU A 42 0.07 5.22 19.12
C LEU A 42 -0.47 4.64 20.43
N ARG A 43 -0.01 5.16 21.57
CA ARG A 43 -0.50 4.68 22.86
C ARG A 43 -1.96 5.06 23.06
N THR A 44 -2.31 6.33 22.82
CA THR A 44 -3.69 6.81 22.93
C THR A 44 -4.67 5.90 22.20
N HIS A 45 -4.35 5.53 20.96
CA HIS A 45 -5.24 4.73 20.15
C HIS A 45 -5.05 3.24 20.36
N GLY A 46 -4.30 2.84 21.39
CA GLY A 46 -4.17 1.42 21.69
C GLY A 46 -3.35 0.62 20.72
N LEU A 47 -2.56 1.28 19.87
CA LEU A 47 -1.82 0.58 18.83
C LEU A 47 -0.48 0.09 19.34
N ALA A 48 0.23 0.93 20.10
CA ALA A 48 1.51 0.53 20.66
C ALA A 48 1.38 -0.73 21.52
N GLN A 49 0.31 -0.81 22.32
CA GLN A 49 0.06 -1.98 23.17
C GLN A 49 -0.21 -3.24 22.37
N ARG A 50 -0.59 -3.12 21.09
CA ARG A 50 -0.82 -4.31 20.28
C ARG A 50 0.42 -4.74 19.49
N CYS A 51 1.49 -3.95 19.54
CA CYS A 51 2.72 -4.29 18.84
C CYS A 51 3.73 -4.98 19.75
N LYS A 52 4.55 -5.85 19.16
CA LYS A 52 5.68 -6.44 19.87
C LYS A 52 6.77 -5.40 20.05
N ALA A 53 6.99 -4.95 21.28
CA ALA A 53 8.07 -4.01 21.52
C ALA A 53 9.39 -4.75 21.35
N VAL A 54 10.28 -4.17 20.56
CA VAL A 54 11.62 -4.71 20.34
C VAL A 54 12.60 -3.62 20.76
N PRO A 55 13.61 -3.94 21.56
CA PRO A 55 14.52 -2.88 22.04
C PRO A 55 15.38 -2.35 20.92
N VAL A 56 15.78 -1.09 21.08
CA VAL A 56 16.80 -0.53 20.20
C VAL A 56 18.18 -1.02 20.64
N ARG A 57 19.13 -0.92 19.71
CA ARG A 57 20.53 -1.17 20.02
C ARG A 57 21.36 -0.15 19.26
N GLN A 58 22.66 -0.12 19.54
CA GLN A 58 23.57 0.70 18.74
C GLN A 58 23.95 -0.08 17.50
N ALA A 59 23.93 0.60 16.36
CA ALA A 59 24.66 0.10 15.21
C ALA A 59 26.15 0.05 15.54
N THR A 60 26.81 -1.02 15.09
CA THR A 60 28.25 -1.11 15.34
C THR A 60 29.01 -0.27 14.32
N GLU A 61 30.30 -0.08 14.60
CA GLU A 61 31.17 0.62 13.66
C GLU A 61 31.15 -0.07 12.30
N GLN A 62 31.26 -1.39 12.30
CA GLN A 62 31.29 -2.15 11.05
C GLN A 62 29.97 -1.99 10.29
N GLU A 63 28.85 -1.89 11.00
CA GLU A 63 27.56 -1.69 10.34
C GLU A 63 27.48 -0.29 9.75
N ILE A 64 28.01 0.71 10.45
CA ILE A 64 28.03 2.07 9.92
C ILE A 64 28.89 2.13 8.65
N LEU A 65 29.98 1.38 8.61
CA LEU A 65 30.87 1.40 7.46
C LEU A 65 30.27 0.72 6.23
N LEU A 66 29.10 0.08 6.37
CA LEU A 66 28.44 -0.46 5.19
C LEU A 66 28.04 0.65 4.23
N ALA A 67 27.71 1.83 4.74
CA ALA A 67 27.21 2.93 3.93
C ALA A 67 28.01 4.21 4.05
N HIS A 68 28.95 4.30 5.01
CA HIS A 68 29.65 5.55 5.26
C HIS A 68 31.15 5.31 5.31
N SER A 69 31.90 6.39 5.10
CA SER A 69 33.35 6.33 5.04
C SER A 69 33.95 6.44 6.42
N GLU A 70 35.13 5.83 6.59
CA GLU A 70 35.82 5.92 7.88
C GLU A 70 36.09 7.36 8.24
N GLU A 71 36.40 8.19 7.25
CA GLU A 71 36.68 9.60 7.54
C GLU A 71 35.45 10.31 8.10
N TYR A 72 34.28 10.03 7.55
CA TYR A 72 33.08 10.70 8.02
C TYR A 72 32.66 10.19 9.40
N LEU A 73 32.69 8.88 9.61
CA LEU A 73 32.40 8.31 10.92
C LEU A 73 33.33 8.88 11.98
N GLU A 74 34.64 8.87 11.71
CA GLU A 74 35.60 9.43 12.65
C GLU A 74 35.28 10.87 13.02
N ALA A 75 34.88 11.68 12.04
CA ALA A 75 34.57 13.08 12.37
C ALA A 75 33.30 13.19 13.22
N VAL A 76 32.28 12.39 12.90
CA VAL A 76 31.05 12.43 13.69
C VAL A 76 31.31 11.92 15.11
N LYS A 77 32.12 10.86 15.23
CA LYS A 77 32.48 10.27 16.51
C LYS A 77 33.10 11.28 17.46
N GLN A 78 33.57 12.43 16.97
CA GLN A 78 34.16 13.43 17.85
C GLN A 78 33.15 14.45 18.35
N THR A 79 31.94 14.49 17.80
CA THR A 79 30.98 15.50 18.21
C THR A 79 30.51 15.35 19.67
N PRO A 80 30.49 14.17 20.28
CA PRO A 80 30.10 14.13 21.72
C PRO A 80 31.03 14.94 22.61
N GLY A 81 32.30 15.11 22.24
CA GLY A 81 33.22 15.93 23.00
C GLY A 81 33.21 17.42 22.70
N MET A 82 32.33 17.89 21.81
CA MET A 82 32.38 19.26 21.34
C MET A 82 31.46 20.17 22.15
N ASN A 83 31.90 21.41 22.39
CA ASN A 83 31.01 22.39 23.00
C ASN A 83 30.10 23.01 21.93
N VAL A 84 29.27 23.97 22.35
CA VAL A 84 28.23 24.48 21.46
C VAL A 84 28.84 25.19 20.26
N GLU A 85 29.80 26.08 20.51
CA GLU A 85 30.49 26.78 19.44
C GLU A 85 31.12 25.80 18.44
N GLU A 86 31.77 24.74 18.95
CA GLU A 86 32.36 23.75 18.07
C GLU A 86 31.30 22.94 17.33
N LEU A 87 30.16 22.66 17.97
CA LEU A 87 29.09 21.93 17.28
C LEU A 87 28.46 22.78 16.18
N MET A 88 28.37 24.09 16.37
CA MET A 88 27.83 24.94 15.32
C MET A 88 28.77 24.96 14.12
N ALA A 89 30.08 25.15 14.36
CA ALA A 89 31.05 25.16 13.27
C ALA A 89 31.05 23.84 12.51
N PHE A 90 30.95 22.72 13.23
CA PHE A 90 30.90 21.42 12.55
C PHE A 90 29.63 21.29 11.71
N SER A 91 28.49 21.77 12.24
CA SER A 91 27.24 21.66 11.49
C SER A 91 27.29 22.46 10.19
N LYS A 92 27.94 23.63 10.21
CA LYS A 92 27.96 24.52 9.05
C LYS A 92 28.79 23.98 7.90
N LYS A 93 29.51 22.86 8.10
CA LYS A 93 30.14 22.16 6.98
C LYS A 93 29.15 21.38 6.14
N TYR A 94 27.90 21.32 6.54
CA TYR A 94 26.94 20.49 5.83
C TYR A 94 25.70 21.31 5.56
N ASN A 95 24.81 20.75 4.74
CA ASN A 95 23.59 21.42 4.32
C ASN A 95 22.42 21.00 5.20
N ALA A 96 21.80 21.96 5.88
CA ALA A 96 20.55 21.79 6.62
C ALA A 96 20.62 20.64 7.63
N VAL A 97 21.59 20.71 8.53
CA VAL A 97 21.70 19.72 9.58
C VAL A 97 22.42 20.36 10.75
N TYR A 98 22.01 19.96 11.97
CA TYR A 98 22.62 20.45 13.20
C TYR A 98 23.09 19.26 14.03
N PHE A 99 24.08 19.51 14.87
CA PHE A 99 24.67 18.51 15.72
C PHE A 99 24.47 18.90 17.18
N HIS A 100 24.61 17.91 18.06
CA HIS A 100 24.34 18.02 19.49
C HIS A 100 25.22 16.97 20.18
N GLN A 101 25.58 17.22 21.44
CA GLN A 101 26.44 16.30 22.17
CA GLN A 101 26.46 16.28 22.15
C GLN A 101 25.94 14.86 22.09
N ASN A 102 24.62 14.68 22.08
CA ASN A 102 24.02 13.36 22.12
C ASN A 102 23.61 12.82 20.74
N ILE A 103 23.85 13.56 19.65
CA ILE A 103 23.26 13.13 18.38
C ILE A 103 24.01 11.95 17.78
N TYR A 104 25.31 11.82 18.03
CA TYR A 104 26.03 10.64 17.54
C TYR A 104 25.49 9.36 18.19
N HIS A 105 25.31 9.39 19.50
CA HIS A 105 24.63 8.33 20.24
C HIS A 105 23.27 8.02 19.62
N CYS A 106 22.46 9.05 19.40
CA CYS A 106 21.11 8.82 18.89
C CYS A 106 21.13 8.27 17.46
N ALA A 107 22.07 8.74 16.63
CA ALA A 107 22.18 8.23 15.26
C ALA A 107 22.56 6.75 15.24
N LYS A 108 23.43 6.33 16.16
CA LYS A 108 23.69 4.89 16.23
C LYS A 108 22.48 4.13 16.71
N LEU A 109 21.64 4.72 17.58
CA LEU A 109 20.41 4.04 17.99
C LEU A 109 19.39 3.99 16.87
N ALA A 110 19.19 5.10 16.13
CA ALA A 110 18.29 5.08 14.99
C ALA A 110 18.69 4.00 13.99
N ALA A 111 20.00 3.91 13.72
CA ALA A 111 20.49 2.87 12.83
C ALA A 111 20.31 1.48 13.45
N GLY A 112 20.65 1.34 14.74
CA GLY A 112 20.48 0.03 15.35
C GLY A 112 19.03 -0.38 15.42
N ALA A 113 18.15 0.58 15.74
CA ALA A 113 16.72 0.27 15.76
C ALA A 113 16.25 -0.27 14.42
N THR A 114 16.71 0.35 13.31
CA THR A 114 16.35 -0.14 11.99
C THR A 114 16.85 -1.56 11.78
N LEU A 115 18.10 -1.84 12.17
CA LEU A 115 18.61 -3.20 11.99
C LEU A 115 17.83 -4.21 12.84
N GLN A 116 17.44 -3.83 14.05
CA GLN A 116 16.58 -4.67 14.87
C GLN A 116 15.27 -4.98 14.14
N LEU A 117 14.70 -3.98 13.47
CA LEU A 117 13.45 -4.21 12.74
C LEU A 117 13.69 -5.22 11.62
N VAL A 118 14.78 -5.03 10.87
CA VAL A 118 15.07 -5.97 9.77
C VAL A 118 15.25 -7.39 10.31
N ASP A 119 15.97 -7.55 11.42
CA ASP A 119 16.17 -8.89 11.97
C ASP A 119 14.85 -9.51 12.41
N SER A 120 13.98 -8.75 13.10
CA SER A 120 12.73 -9.32 13.57
C SER A 120 11.87 -9.79 12.41
N VAL A 121 11.82 -9.01 11.33
CA VAL A 121 11.00 -9.41 10.19
C VAL A 121 11.64 -10.58 9.46
N MET A 122 12.96 -10.52 9.24
CA MET A 122 13.61 -11.55 8.41
C MET A 122 13.77 -12.88 9.14
N LYS A 123 13.83 -12.86 10.48
CA LYS A 123 13.78 -14.09 11.27
C LYS A 123 12.36 -14.61 11.48
N ARG A 124 11.36 -13.96 10.89
CA ARG A 124 9.96 -14.37 11.00
C ARG A 124 9.45 -14.28 12.44
N GLU A 125 10.10 -13.47 13.28
CA GLU A 125 9.60 -13.23 14.63
C GLU A 125 8.39 -12.30 14.62
N VAL A 126 8.30 -11.41 13.63
CA VAL A 126 7.09 -10.63 13.36
C VAL A 126 6.83 -10.63 11.86
N ARG A 127 5.60 -10.27 11.52
CA ARG A 127 5.25 -10.14 10.09
C ARG A 127 5.88 -8.90 9.49
N ASN A 128 5.91 -7.80 10.24
CA ASN A 128 6.26 -6.49 9.72
C ASN A 128 6.53 -5.60 10.91
N GLY A 129 6.86 -4.34 10.67
CA GLY A 129 7.04 -3.47 11.82
C GLY A 129 7.37 -2.06 11.43
N MET A 130 7.52 -1.23 12.45
CA MET A 130 7.86 0.16 12.28
C MET A 130 8.87 0.59 13.34
N ALA A 131 9.84 1.39 12.91
CA ALA A 131 10.80 2.02 13.80
C ALA A 131 10.56 3.51 13.83
N LEU A 132 10.24 4.04 15.00
CA LEU A 132 10.14 5.48 15.22
C LEU A 132 11.50 5.96 15.68
N VAL A 133 12.26 6.57 14.77
CA VAL A 133 13.64 6.95 15.04
C VAL A 133 13.85 8.42 14.76
N ARG A 134 14.83 9.00 15.47
CA ARG A 134 15.51 10.28 15.22
C ARG A 134 16.99 9.98 15.45
N PRO A 135 17.90 10.57 14.65
CA PRO A 135 17.64 11.43 13.51
C PRO A 135 17.20 10.62 12.29
N PRO A 136 16.48 11.26 11.37
CA PRO A 136 16.15 10.61 10.10
C PRO A 136 17.42 10.28 9.32
N GLY A 137 17.25 9.59 8.19
CA GLY A 137 18.44 9.09 7.51
C GLY A 137 18.59 9.33 6.02
N HIS A 138 17.49 9.45 5.26
CA HIS A 138 17.56 9.21 3.82
C HIS A 138 18.33 10.28 3.05
N HIS A 139 18.60 11.45 3.64
CA HIS A 139 19.48 12.42 3.01
C HIS A 139 20.96 12.21 3.29
N SER A 140 21.33 11.40 4.29
CA SER A 140 22.76 11.33 4.61
C SER A 140 23.47 10.52 3.54
N GLN A 141 24.75 10.83 3.37
CA GLN A 141 25.52 10.30 2.28
C GLN A 141 26.80 9.67 2.81
N ARG A 142 27.56 9.05 1.92
N ARG A 142 27.54 9.03 1.91
CA ARG A 142 28.72 8.27 2.33
CA ARG A 142 28.74 8.30 2.29
C ARG A 142 29.66 9.09 3.23
C ARG A 142 29.62 9.10 3.24
N SER A 143 29.84 10.38 2.93
CA SER A 143 30.72 11.24 3.73
C SER A 143 30.07 12.58 4.09
N ALA A 144 28.75 12.60 4.27
CA ALA A 144 28.12 13.87 4.63
C ALA A 144 26.81 13.67 5.40
N ALA A 145 26.65 14.45 6.47
CA ALA A 145 25.34 14.70 7.04
C ALA A 145 24.60 15.70 6.16
N ASN A 146 23.28 15.56 6.11
CA ASN A 146 22.49 16.37 5.19
C ASN A 146 21.04 16.32 5.64
N GLY A 147 20.35 17.47 5.59
CA GLY A 147 18.91 17.50 5.78
C GLY A 147 18.40 16.78 7.04
N PHE A 148 18.93 17.15 8.20
CA PHE A 148 18.62 16.60 9.53
C PHE A 148 19.09 15.16 9.72
N CYS A 149 19.75 14.55 8.72
CA CYS A 149 20.15 13.15 8.76
C CYS A 149 21.66 13.02 9.00
N VAL A 150 22.03 12.09 9.88
CA VAL A 150 23.46 11.82 10.17
C VAL A 150 23.94 10.55 9.45
N PHE A 151 23.25 9.43 9.65
CA PHE A 151 23.58 8.18 9.00
C PHE A 151 22.35 7.68 8.28
N ASN A 152 22.53 6.87 7.23
CA ASN A 152 21.40 6.52 6.36
C ASN A 152 20.76 5.22 6.83
N ASN A 153 19.81 5.36 7.76
CA ASN A 153 19.15 4.23 8.39
C ASN A 153 18.60 3.22 7.39
N VAL A 154 17.90 3.71 6.36
CA VAL A 154 17.26 2.78 5.41
C VAL A 154 18.29 2.16 4.47
N ALA A 155 19.35 2.89 4.13
CA ALA A 155 20.40 2.26 3.33
C ALA A 155 21.09 1.16 4.12
N PHE A 156 21.36 1.40 5.41
CA PHE A 156 21.86 0.33 6.29
C PHE A 156 21.00 -0.91 6.18
N ALA A 157 19.68 -0.72 6.31
CA ALA A 157 18.75 -1.86 6.35
C ALA A 157 18.85 -2.70 5.10
N ALA A 158 18.93 -2.08 3.93
CA ALA A 158 19.02 -2.87 2.70
C ALA A 158 20.39 -3.53 2.57
N LEU A 159 21.45 -2.81 2.89
CA LEU A 159 22.79 -3.40 2.82
C LEU A 159 22.94 -4.55 3.83
N TYR A 160 22.42 -4.35 5.05
CA TYR A 160 22.44 -5.38 6.08
C TYR A 160 21.60 -6.59 5.68
N ALA A 161 20.42 -6.36 5.09
CA ALA A 161 19.60 -7.48 4.63
C ALA A 161 20.28 -8.25 3.51
N LYS A 162 20.98 -7.56 2.61
CA LYS A 162 21.74 -8.23 1.57
C LYS A 162 22.84 -9.09 2.16
N LYS A 163 23.64 -8.51 3.06
CA LYS A 163 24.82 -9.20 3.59
C LYS A 163 24.41 -10.40 4.42
N ASN A 164 23.44 -10.24 5.33
CA ASN A 164 23.15 -11.25 6.33
C ASN A 164 22.04 -12.22 5.96
N TYR A 165 21.16 -11.87 5.02
CA TYR A 165 20.13 -12.81 4.60
C TYR A 165 20.22 -13.14 3.12
N ASN A 166 21.29 -12.71 2.46
CA ASN A 166 21.58 -13.08 1.07
C ASN A 166 20.42 -12.73 0.14
N LEU A 167 19.78 -11.59 0.39
CA LEU A 167 18.65 -11.17 -0.43
C LEU A 167 19.16 -10.63 -1.76
N ASN A 168 18.41 -10.93 -2.83
CA ASN A 168 18.75 -10.46 -4.17
C ASN A 168 17.89 -9.29 -4.65
N ARG A 169 16.73 -9.07 -4.06
CA ARG A 169 15.82 -8.01 -4.51
C ARG A 169 15.19 -7.34 -3.30
N ILE A 170 15.50 -6.07 -3.12
CA ILE A 170 14.93 -5.27 -2.05
C ILE A 170 14.29 -4.03 -2.66
N LEU A 171 13.04 -3.75 -2.27
CA LEU A 171 12.34 -2.53 -2.68
C LEU A 171 12.41 -1.51 -1.56
N ILE A 172 12.85 -0.29 -1.88
CA ILE A 172 12.77 0.83 -0.95
C ILE A 172 11.75 1.82 -1.49
N VAL A 173 10.70 2.08 -0.71
CA VAL A 173 9.65 3.04 -1.06
C VAL A 173 9.83 4.26 -0.17
N ASP A 174 10.09 5.43 -0.77
CA ASP A 174 10.38 6.65 -0.01
C ASP A 174 9.26 7.64 -0.27
N TRP A 175 8.24 7.64 0.60
CA TRP A 175 7.10 8.51 0.44
C TRP A 175 7.20 9.78 1.29
N ASP A 176 8.35 10.00 1.91
CA ASP A 176 8.68 11.33 2.44
C ASP A 176 8.56 12.35 1.31
N VAL A 177 8.29 13.61 1.66
CA VAL A 177 8.07 14.65 0.66
C VAL A 177 9.37 15.19 0.07
N HIS A 178 10.52 14.85 0.65
CA HIS A 178 11.81 15.24 0.11
C HIS A 178 12.45 14.06 -0.61
N HIS A 179 13.32 14.36 -1.57
CA HIS A 179 14.06 13.32 -2.29
C HIS A 179 15.14 12.71 -1.38
N GLY A 180 15.16 11.39 -1.29
CA GLY A 180 16.23 10.76 -0.50
C GLY A 180 17.48 10.55 -1.34
N GLN A 181 18.21 11.64 -1.62
CA GLN A 181 19.32 11.52 -2.55
C GLN A 181 20.41 10.61 -1.99
N GLY A 182 20.56 10.55 -0.67
CA GLY A 182 21.54 9.64 -0.09
C GLY A 182 21.25 8.17 -0.43
N ILE A 183 19.98 7.79 -0.44
CA ILE A 183 19.64 6.42 -0.84
C ILE A 183 19.89 6.23 -2.33
N GLN A 184 19.46 7.18 -3.16
CA GLN A 184 19.69 7.09 -4.59
C GLN A 184 21.17 6.87 -4.92
N TYR A 185 22.05 7.74 -4.41
CA TYR A 185 23.49 7.57 -4.65
C TYR A 185 23.98 6.23 -4.14
N CYS A 186 23.46 5.79 -2.99
CA CYS A 186 23.94 4.53 -2.43
C CYS A 186 23.75 3.39 -3.41
N PHE A 187 22.57 3.30 -4.03
CA PHE A 187 22.24 2.12 -4.82
C PHE A 187 22.12 2.40 -6.32
N GLU A 188 22.65 3.53 -6.79
CA GLU A 188 22.34 3.89 -8.18
C GLU A 188 22.90 2.87 -9.17
N GLU A 189 23.98 2.18 -8.83
CA GLU A 189 24.52 1.14 -9.70
C GLU A 189 24.07 -0.27 -9.34
N ASP A 190 23.21 -0.42 -8.33
CA ASP A 190 22.92 -1.74 -7.80
C ASP A 190 21.54 -2.21 -8.26
N PRO A 191 21.43 -3.23 -9.11
CA PRO A 191 20.11 -3.70 -9.52
C PRO A 191 19.41 -4.54 -8.48
N SER A 192 20.06 -4.89 -7.37
CA SER A 192 19.40 -5.69 -6.34
C SER A 192 18.51 -4.85 -5.44
N VAL A 193 18.65 -3.52 -5.49
CA VAL A 193 17.83 -2.62 -4.68
C VAL A 193 17.08 -1.70 -5.64
N LEU A 194 15.76 -1.75 -5.61
CA LEU A 194 14.94 -0.84 -6.39
C LEU A 194 14.48 0.30 -5.50
N TYR A 195 14.84 1.53 -5.87
CA TYR A 195 14.49 2.71 -5.09
C TYR A 195 13.41 3.51 -5.82
N PHE A 196 12.29 3.79 -5.13
CA PHE A 196 11.24 4.67 -5.63
C PHE A 196 11.08 5.85 -4.69
N SER A 197 11.03 7.07 -5.25
CA SER A 197 10.84 8.27 -4.45
C SER A 197 9.89 9.22 -5.16
N TRP A 198 8.90 9.74 -4.46
CA TRP A 198 8.21 10.93 -4.93
C TRP A 198 8.66 12.09 -4.05
N HIS A 199 8.59 13.31 -4.58
CA HIS A 199 9.13 14.40 -3.79
C HIS A 199 8.73 15.72 -4.40
N ARG A 200 8.46 16.69 -3.53
CA ARG A 200 8.34 18.06 -3.95
C ARG A 200 9.64 18.49 -4.63
N TYR A 201 9.52 19.06 -5.83
CA TYR A 201 10.65 19.36 -6.70
C TYR A 201 10.51 20.78 -7.25
N GLU A 202 9.32 21.08 -7.79
CA GLU A 202 9.02 22.38 -8.37
C GLU A 202 10.13 22.79 -9.35
N HIS A 203 10.39 21.90 -10.31
CA HIS A 203 11.33 22.17 -11.41
C HIS A 203 12.69 22.52 -10.85
N GLN A 204 13.10 21.78 -9.83
CA GLN A 204 14.37 21.88 -9.14
C GLN A 204 14.47 23.10 -8.23
N SER A 205 13.42 23.89 -8.09
CA SER A 205 13.50 25.00 -7.14
C SER A 205 13.29 24.58 -5.68
N PHE A 206 12.89 23.34 -5.40
CA PHE A 206 12.72 22.95 -4.00
C PHE A 206 13.90 22.11 -3.53
N TRP A 207 14.39 22.45 -2.33
CA TRP A 207 15.47 21.75 -1.64
C TRP A 207 15.27 20.24 -1.76
N PRO A 208 16.34 19.46 -2.02
CA PRO A 208 17.74 19.86 -2.14
C PRO A 208 18.20 20.38 -3.53
N ASN A 209 17.28 20.76 -4.42
CA ASN A 209 17.64 21.48 -5.65
C ASN A 209 18.61 20.71 -6.53
N LEU A 210 18.36 19.42 -6.73
CA LEU A 210 19.32 18.61 -7.45
C LEU A 210 18.79 18.24 -8.82
N PRO A 211 19.58 18.41 -9.89
CA PRO A 211 19.14 17.91 -11.20
C PRO A 211 18.87 16.42 -11.20
N GLU A 212 19.62 15.63 -10.41
CA GLU A 212 19.43 14.18 -10.45
C GLU A 212 18.22 13.69 -9.63
N SER A 213 17.45 14.58 -8.99
CA SER A 213 16.16 14.18 -8.43
C SER A 213 15.03 14.15 -9.45
N ASP A 214 15.32 14.39 -10.74
CA ASP A 214 14.28 14.45 -11.76
C ASP A 214 13.98 13.04 -12.26
N TYR A 215 12.90 12.93 -13.04
CA TYR A 215 12.46 11.63 -13.54
C TYR A 215 13.48 10.99 -14.45
N SER A 216 14.44 11.75 -14.98
CA SER A 216 15.35 11.13 -15.94
C SER A 216 16.50 10.37 -15.29
N SER A 217 16.66 10.45 -13.96
CA SER A 217 17.65 9.61 -13.27
C SER A 217 17.04 8.24 -13.02
N VAL A 218 17.48 7.24 -13.78
CA VAL A 218 16.92 5.90 -13.75
C VAL A 218 17.89 4.90 -13.15
N GLY A 219 18.99 5.37 -12.58
CA GLY A 219 20.10 4.52 -12.19
C GLY A 219 21.21 4.55 -13.24
N LYS A 220 22.31 3.89 -12.90
CA LYS A 220 23.52 3.92 -13.72
C LYS A 220 24.08 2.52 -13.89
N GLY A 221 24.52 2.21 -15.10
CA GLY A 221 25.22 0.96 -15.37
C GLY A 221 24.30 -0.23 -15.23
N LYS A 222 24.79 -1.27 -14.55
CA LYS A 222 23.94 -2.43 -14.26
C LYS A 222 22.72 -2.05 -13.40
N GLY A 223 22.72 -0.87 -12.78
CA GLY A 223 21.56 -0.40 -12.04
C GLY A 223 20.57 0.43 -12.83
N SER A 224 20.70 0.50 -14.16
CA SER A 224 19.79 1.32 -14.95
C SER A 224 18.39 0.76 -14.87
N GLY A 225 17.42 1.60 -14.52
CA GLY A 225 16.05 1.17 -14.37
C GLY A 225 15.61 0.85 -12.95
N PHE A 226 16.55 0.78 -12.00
CA PHE A 226 16.22 0.45 -10.61
C PHE A 226 16.23 1.68 -9.70
N ASN A 227 16.18 2.86 -10.30
CA ASN A 227 15.96 4.11 -9.59
C ASN A 227 14.81 4.81 -10.29
N ILE A 228 13.75 5.10 -9.54
CA ILE A 228 12.53 5.72 -10.07
C ILE A 228 12.25 6.97 -9.26
N ASN A 229 12.41 8.14 -9.88
CA ASN A 229 12.09 9.43 -9.29
C ASN A 229 10.80 9.96 -9.90
N LEU A 230 9.84 10.34 -9.05
CA LEU A 230 8.61 10.98 -9.50
C LEU A 230 8.53 12.37 -8.88
N PRO A 231 8.95 13.41 -9.60
CA PRO A 231 8.96 14.76 -9.02
C PRO A 231 7.57 15.37 -9.02
N TRP A 232 7.24 16.06 -7.92
CA TRP A 232 6.01 16.84 -7.84
C TRP A 232 6.38 18.28 -8.15
N ASN A 233 5.84 18.82 -9.24
CA ASN A 233 6.28 20.12 -9.69
C ASN A 233 5.32 21.24 -9.31
N LYS A 234 4.33 20.92 -8.48
CA LYS A 234 3.48 21.90 -7.80
C LYS A 234 3.16 21.37 -6.42
N VAL A 235 2.88 22.27 -5.48
CA VAL A 235 2.44 21.85 -4.16
C VAL A 235 0.96 21.52 -4.23
N GLY A 236 0.37 21.10 -3.11
CA GLY A 236 -1.05 20.82 -3.05
C GLY A 236 -1.47 19.47 -3.61
N MET A 237 -0.54 18.54 -3.81
CA MET A 237 -0.93 17.22 -4.28
C MET A 237 -1.91 16.54 -3.30
N THR A 238 -2.84 15.76 -3.86
CA THR A 238 -3.97 15.19 -3.12
C THR A 238 -3.87 13.67 -3.07
N ASN A 239 -4.82 13.06 -2.36
CA ASN A 239 -4.99 11.61 -2.38
C ASN A 239 -5.00 11.05 -3.80
N SER A 240 -5.76 11.69 -4.71
CA SER A 240 -5.80 11.17 -6.07
C SER A 240 -4.41 11.17 -6.74
N ASP A 241 -3.62 12.22 -6.54
CA ASP A 241 -2.27 12.24 -7.11
C ASP A 241 -1.42 11.11 -6.56
N TYR A 242 -1.46 10.91 -5.23
CA TYR A 242 -0.66 9.85 -4.61
C TYR A 242 -1.10 8.47 -5.09
N LEU A 243 -2.41 8.23 -5.15
CA LEU A 243 -2.85 6.91 -5.60
C LEU A 243 -2.57 6.72 -7.08
N ALA A 244 -2.63 7.80 -7.89
CA ALA A 244 -2.27 7.66 -9.31
C ALA A 244 -0.80 7.28 -9.45
N ALA A 245 0.07 7.89 -8.64
CA ALA A 245 1.48 7.50 -8.62
C ALA A 245 1.63 6.01 -8.30
N PHE A 246 0.88 5.51 -7.31
CA PHE A 246 1.00 4.11 -6.93
C PHE A 246 0.47 3.17 -8.01
N PHE A 247 -0.75 3.43 -8.52
CA PHE A 247 -1.32 2.50 -9.49
C PHE A 247 -0.59 2.53 -10.84
N HIS A 248 -0.07 3.69 -11.24
CA HIS A 248 0.45 3.82 -12.60
C HIS A 248 1.97 3.86 -12.67
N VAL A 249 2.68 3.98 -11.55
CA VAL A 249 4.13 3.93 -11.56
C VAL A 249 4.65 2.87 -10.58
N LEU A 250 4.41 3.06 -9.28
CA LEU A 250 5.14 2.28 -8.27
C LEU A 250 4.71 0.82 -8.28
N LEU A 251 3.41 0.56 -8.15
CA LEU A 251 2.95 -0.82 -8.00
C LEU A 251 3.22 -1.69 -9.21
N PRO A 252 2.98 -1.26 -10.46
CA PRO A 252 3.33 -2.13 -11.59
C PRO A 252 4.79 -2.54 -11.58
N VAL A 253 5.68 -1.63 -11.20
CA VAL A 253 7.11 -1.94 -11.15
C VAL A 253 7.41 -2.83 -9.95
N ALA A 254 6.75 -2.59 -8.82
CA ALA A 254 7.02 -3.36 -7.60
C ALA A 254 6.62 -4.82 -7.78
N TYR A 255 5.42 -5.09 -8.31
CA TYR A 255 5.01 -6.48 -8.46
C TYR A 255 5.78 -7.19 -9.56
N GLU A 256 6.30 -6.46 -10.55
CA GLU A 256 7.19 -7.08 -11.54
C GLU A 256 8.54 -7.41 -10.92
N PHE A 257 9.11 -6.45 -10.18
CA PHE A 257 10.37 -6.66 -9.47
C PHE A 257 10.31 -7.86 -8.52
N ASP A 258 9.18 -8.05 -7.86
CA ASP A 258 8.97 -9.13 -6.90
C ASP A 258 10.02 -9.08 -5.78
N PRO A 259 10.02 -8.06 -4.94
CA PRO A 259 11.06 -7.94 -3.92
C PRO A 259 10.95 -9.06 -2.89
N GLU A 260 12.08 -9.34 -2.23
CA GLU A 260 12.11 -10.30 -1.12
C GLU A 260 11.94 -9.60 0.22
N LEU A 261 12.06 -8.28 0.24
CA LEU A 261 11.83 -7.44 1.41
C LEU A 261 11.41 -6.06 0.92
N VAL A 262 10.52 -5.40 1.65
CA VAL A 262 10.14 -4.03 1.39
C VAL A 262 10.55 -3.17 2.57
N ILE A 263 11.28 -2.10 2.30
CA ILE A 263 11.63 -1.11 3.31
C ILE A 263 10.98 0.22 2.91
N VAL A 264 10.23 0.83 3.81
CA VAL A 264 9.62 2.13 3.56
C VAL A 264 10.40 3.21 4.29
N SER A 265 10.89 4.19 3.53
CA SER A 265 11.34 5.47 4.07
C SER A 265 10.09 6.32 4.24
N ALA A 266 9.55 6.32 5.46
CA ALA A 266 8.21 6.81 5.72
C ALA A 266 8.33 8.21 6.35
N GLY A 267 8.39 9.22 5.49
CA GLY A 267 8.25 10.59 5.93
C GLY A 267 6.80 11.01 5.75
N PHE A 268 6.25 11.64 6.79
CA PHE A 268 4.86 12.07 6.74
C PHE A 268 4.78 13.57 6.53
N ASP A 269 5.90 14.21 6.20
CA ASP A 269 5.81 15.57 5.69
C ASP A 269 5.14 15.64 4.32
N SER A 270 4.72 14.51 3.76
CA SER A 270 3.90 14.49 2.55
C SER A 270 2.41 14.61 2.86
N ALA A 271 2.05 14.81 4.13
CA ALA A 271 0.67 14.87 4.56
C ALA A 271 0.20 16.31 4.64
N ILE A 272 -1.12 16.49 4.49
CA ILE A 272 -1.73 17.81 4.68
C ILE A 272 -1.25 18.43 5.98
N GLY A 273 -1.04 19.74 5.96
CA GLY A 273 -0.64 20.49 7.13
C GLY A 273 0.86 20.64 7.30
N ASP A 274 1.64 19.85 6.61
CA ASP A 274 3.06 19.94 6.89
C ASP A 274 3.66 21.21 6.27
N PRO A 275 4.52 21.92 7.00
CA PRO A 275 5.07 23.18 6.48
C PRO A 275 6.12 22.97 5.40
N GLU A 276 6.80 21.83 5.39
CA GLU A 276 7.77 21.55 4.33
C GLU A 276 7.12 21.05 3.06
N GLY A 277 6.15 20.13 3.17
CA GLY A 277 5.55 19.54 2.00
C GLY A 277 4.53 20.40 1.27
N GLU A 278 3.63 21.02 2.04
CA GLU A 278 2.50 21.79 1.52
C GLU A 278 1.62 20.95 0.61
N MET A 279 1.60 19.63 0.83
CA MET A 279 0.69 18.78 0.10
C MET A 279 -0.65 18.72 0.84
N CYS A 280 -1.63 18.05 0.21
CA CYS A 280 -3.00 18.03 0.68
C CYS A 280 -3.53 16.63 0.90
N ALA A 281 -2.65 15.61 0.91
CA ALA A 281 -3.12 14.26 1.14
C ALA A 281 -3.45 14.07 2.62
N LEU A 282 -4.53 13.34 2.88
CA LEU A 282 -5.02 13.14 4.24
C LEU A 282 -4.24 12.02 4.91
N PRO A 283 -4.17 12.04 6.26
CA PRO A 283 -3.47 10.95 6.97
C PRO A 283 -3.98 9.59 6.60
N GLU A 284 -5.27 9.46 6.28
CA GLU A 284 -5.84 8.18 5.88
C GLU A 284 -5.16 7.57 4.66
N ILE A 285 -4.51 8.37 3.81
CA ILE A 285 -3.92 7.80 2.59
C ILE A 285 -2.76 6.87 2.95
N PHE A 286 -2.06 7.14 4.05
CA PHE A 286 -0.97 6.25 4.42
C PHE A 286 -1.46 4.87 4.84
N ALA A 287 -2.72 4.78 5.29
CA ALA A 287 -3.29 3.45 5.52
C ALA A 287 -3.32 2.65 4.24
N HIS A 288 -3.58 3.31 3.11
CA HIS A 288 -3.67 2.64 1.82
C HIS A 288 -2.31 2.44 1.17
N LEU A 289 -1.43 3.44 1.23
CA LEU A 289 -0.07 3.26 0.74
C LEU A 289 0.58 2.05 1.42
N THR A 290 0.34 1.88 2.73
CA THR A 290 0.84 0.69 3.43
C THR A 290 0.13 -0.57 2.93
N HIS A 291 -1.20 -0.51 2.86
CA HIS A 291 -1.99 -1.68 2.45
C HIS A 291 -1.62 -2.17 1.05
N LEU A 292 -1.44 -1.26 0.10
CA LEU A 292 -1.19 -1.66 -1.27
C LEU A 292 0.14 -2.36 -1.44
N LEU A 293 1.09 -2.09 -0.54
CA LEU A 293 2.41 -2.73 -0.54
C LEU A 293 2.47 -4.03 0.27
N MET A 294 1.45 -4.33 1.07
CA MET A 294 1.61 -5.49 1.95
C MET A 294 1.55 -6.86 1.27
N PRO A 295 0.92 -7.01 0.10
CA PRO A 295 1.06 -8.30 -0.60
C PRO A 295 2.43 -8.55 -1.17
N LEU A 296 3.37 -7.60 -1.09
CA LEU A 296 4.70 -7.88 -1.60
C LEU A 296 5.52 -8.61 -0.54
N ALA A 297 6.41 -9.48 -1.01
CA ALA A 297 7.44 -10.10 -0.16
C ALA A 297 6.82 -10.85 1.02
N ALA A 298 5.67 -11.48 0.78
CA ALA A 298 4.91 -12.18 1.82
C ALA A 298 4.66 -11.29 3.03
N GLY A 299 4.41 -10.00 2.76
CA GLY A 299 4.12 -9.05 3.84
C GLY A 299 5.29 -8.57 4.64
N LYS A 300 6.52 -8.94 4.28
CA LYS A 300 7.71 -8.53 5.04
C LYS A 300 8.04 -7.08 4.73
N MET A 301 7.58 -6.18 5.58
CA MET A 301 7.71 -4.75 5.37
C MET A 301 8.28 -4.10 6.61
N CYS A 302 9.35 -3.32 6.44
CA CYS A 302 9.98 -2.58 7.52
C CYS A 302 9.74 -1.10 7.25
N VAL A 303 8.90 -0.48 8.06
CA VAL A 303 8.61 0.95 7.95
C VAL A 303 9.53 1.73 8.87
N VAL A 304 10.24 2.72 8.34
CA VAL A 304 11.24 3.47 9.10
C VAL A 304 10.93 4.94 9.01
N LEU A 305 10.74 5.58 10.17
CA LEU A 305 10.39 6.99 10.19
C LEU A 305 11.49 7.84 9.58
N GLU A 306 11.11 8.73 8.66
CA GLU A 306 11.99 9.79 8.18
C GLU A 306 11.53 11.15 8.72
N GLY A 307 10.97 12.01 7.87
CA GLY A 307 10.53 13.33 8.28
C GLY A 307 9.05 13.39 8.67
N GLY A 308 8.53 14.62 8.76
CA GLY A 308 7.15 14.89 9.20
C GLY A 308 7.08 15.85 10.39
N PHE A 309 6.54 17.05 10.19
CA PHE A 309 6.83 18.15 11.12
C PHE A 309 5.61 18.86 11.67
N ASN A 310 4.42 18.56 11.19
CA ASN A 310 3.19 19.07 11.78
C ASN A 310 2.77 18.04 12.82
N LEU A 311 2.95 18.38 14.09
CA LEU A 311 2.83 17.38 15.13
C LEU A 311 1.49 16.66 15.08
N THR A 312 0.45 17.31 14.55
CA THR A 312 -0.85 16.68 14.52
C THR A 312 -1.03 15.73 13.33
N SER A 313 -0.77 16.19 12.10
CA SER A 313 -0.78 15.24 10.99
CA SER A 313 -0.78 15.24 10.99
C SER A 313 0.24 14.14 11.17
N LEU A 314 1.29 14.39 11.96
CA LEU A 314 2.30 13.36 12.17
C LEU A 314 1.72 12.20 12.97
N GLY A 315 1.13 12.50 14.13
CA GLY A 315 0.56 11.43 14.95
C GLY A 315 -0.53 10.64 14.23
N GLN A 316 -1.37 11.35 13.46
CA GLN A 316 -2.48 10.66 12.78
C GLN A 316 -1.98 9.78 11.64
N SER A 317 -0.97 10.25 10.88
CA SER A 317 -0.44 9.40 9.80
C SER A 317 0.36 8.21 10.34
N VAL A 318 1.07 8.38 11.45
CA VAL A 318 1.71 7.24 12.10
C VAL A 318 0.68 6.20 12.48
N CYS A 319 -0.43 6.63 13.08
CA CYS A 319 -1.46 5.70 13.51
C CYS A 319 -2.09 4.96 12.33
N GLN A 320 -2.36 5.69 11.24
CA GLN A 320 -2.95 5.04 10.05
C GLN A 320 -2.01 3.98 9.50
N THR A 321 -0.70 4.22 9.57
CA THR A 321 0.25 3.23 9.06
C THR A 321 0.28 1.98 9.93
N VAL A 322 0.40 2.15 11.24
CA VAL A 322 0.46 0.99 12.13
C VAL A 322 -0.86 0.23 12.09
N HIS A 323 -1.98 0.95 12.01
CA HIS A 323 -3.27 0.29 11.84
C HIS A 323 -3.21 -0.72 10.71
N SER A 324 -2.64 -0.30 9.58
CA SER A 324 -2.58 -1.16 8.40
C SER A 324 -1.57 -2.28 8.61
N LEU A 325 -0.44 -1.99 9.27
CA LEU A 325 0.51 -3.06 9.58
C LEU A 325 -0.15 -4.14 10.43
N LEU A 326 -0.98 -3.74 11.39
CA LEU A 326 -1.70 -4.67 12.25
C LEU A 326 -2.85 -5.39 11.54
N GLY A 327 -3.18 -5.01 10.29
CA GLY A 327 -4.27 -5.63 9.58
C GLY A 327 -5.65 -5.06 9.83
N ASP A 328 -5.75 -3.91 10.48
CA ASP A 328 -7.05 -3.30 10.73
C ASP A 328 -7.68 -2.82 9.42
N PRO A 329 -9.01 -2.69 9.38
CA PRO A 329 -9.67 -2.33 8.11
C PRO A 329 -9.30 -0.92 7.66
N THR A 330 -9.05 -0.77 6.37
CA THR A 330 -8.64 0.51 5.81
C THR A 330 -9.83 1.48 5.79
N PRO A 331 -9.62 2.77 6.05
CA PRO A 331 -10.73 3.72 5.98
C PRO A 331 -11.09 4.00 4.53
N ARG A 332 -12.36 4.31 4.30
CA ARG A 332 -12.80 4.64 2.95
C ARG A 332 -12.26 6.00 2.54
N ILE A 333 -11.75 6.10 1.30
CA ILE A 333 -11.28 7.37 0.75
C ILE A 333 -12.33 7.89 -0.22
N SER A 334 -12.94 9.03 0.10
CA SER A 334 -13.95 9.65 -0.75
C SER A 334 -13.37 10.78 -1.59
N GLY A 335 -14.12 11.18 -2.62
CA GLY A 335 -13.74 12.34 -3.42
C GLY A 335 -12.56 12.14 -4.34
N LEU A 336 -12.22 10.91 -4.68
CA LEU A 336 -11.09 10.64 -5.57
C LEU A 336 -11.47 10.88 -7.02
N GLY A 337 -10.47 11.23 -7.82
CA GLY A 337 -10.69 11.53 -9.22
C GLY A 337 -9.37 11.61 -9.97
N THR A 338 -9.34 12.38 -11.06
CA THR A 338 -8.11 12.50 -11.84
C THR A 338 -7.00 13.13 -11.01
N ALA A 339 -5.78 12.67 -11.23
CA ALA A 339 -4.64 13.44 -10.76
C ALA A 339 -4.63 14.82 -11.43
N CYS A 340 -4.00 15.79 -10.80
CA CYS A 340 -3.93 17.08 -11.47
C CYS A 340 -2.99 17.00 -12.67
N ASP A 341 -3.05 18.03 -13.53
CA ASP A 341 -2.27 18.01 -14.77
C ASP A 341 -0.77 17.94 -14.50
N SER A 342 -0.28 18.66 -13.50
CA SER A 342 1.16 18.64 -13.24
C SER A 342 1.60 17.24 -12.81
N ALA A 343 0.79 16.55 -12.01
CA ALA A 343 1.11 15.18 -11.60
C ALA A 343 1.01 14.22 -12.77
N LEU A 344 0.00 14.38 -13.61
CA LEU A 344 -0.12 13.52 -14.78
C LEU A 344 1.05 13.72 -15.73
N GLU A 345 1.57 14.94 -15.82
CA GLU A 345 2.79 15.19 -16.58
C GLU A 345 3.99 14.48 -15.96
N SER A 346 4.19 14.58 -14.64
CA SER A 346 5.28 13.83 -14.01
C SER A 346 5.09 12.33 -14.19
N ILE A 347 3.85 11.85 -14.13
CA ILE A 347 3.60 10.42 -14.24
C ILE A 347 3.87 9.93 -15.66
N GLN A 348 3.44 10.67 -16.68
CA GLN A 348 3.67 10.22 -18.05
C GLN A 348 5.16 10.29 -18.38
N ASN A 349 5.85 11.29 -17.84
CA ASN A 349 7.28 11.44 -18.13
C ASN A 349 8.10 10.32 -17.54
N VAL A 350 7.83 9.94 -16.28
CA VAL A 350 8.59 8.84 -15.68
C VAL A 350 8.21 7.52 -16.35
N ARG A 351 6.94 7.32 -16.69
CA ARG A 351 6.57 6.10 -17.39
C ARG A 351 7.28 6.00 -18.74
N ASN A 352 7.42 7.13 -19.44
CA ASN A 352 8.05 7.09 -20.76
C ASN A 352 9.54 6.75 -20.65
N VAL A 353 10.27 7.39 -19.73
CA VAL A 353 11.70 7.10 -19.61
C VAL A 353 11.93 5.70 -19.02
N GLN A 354 11.02 5.23 -18.19
CA GLN A 354 11.19 3.90 -17.63
C GLN A 354 10.76 2.80 -18.58
N SER A 355 10.18 3.16 -19.74
CA SER A 355 9.63 2.17 -20.66
C SER A 355 10.70 1.28 -21.26
N SER A 356 11.97 1.68 -21.19
CA SER A 356 13.05 0.82 -21.67
C SER A 356 13.37 -0.32 -20.70
N TYR A 357 12.85 -0.27 -19.47
CA TYR A 357 13.32 -1.16 -18.41
C TYR A 357 12.25 -2.05 -17.82
N TRP A 358 10.97 -1.68 -17.92
CA TRP A 358 9.92 -2.37 -17.19
C TRP A 358 8.84 -2.83 -18.14
N SER A 359 8.36 -4.07 -17.94
CA SER A 359 7.35 -4.66 -18.81
C SER A 359 6.06 -3.86 -18.81
N SER A 360 5.63 -3.38 -17.65
CA SER A 360 4.35 -2.67 -17.57
C SER A 360 4.32 -1.44 -18.48
N PHE A 361 5.47 -0.81 -18.70
CA PHE A 361 5.57 0.43 -19.47
C PHE A 361 6.03 0.20 -20.91
N LYS A 362 6.38 -1.05 -21.27
CA LYS A 362 7.05 -1.35 -22.52
C LYS A 362 6.23 -0.96 -23.75
N HIS A 363 4.90 -1.08 -23.69
CA HIS A 363 4.06 -0.73 -24.81
C HIS A 363 4.17 0.75 -25.19
N LEU A 364 4.66 1.60 -24.27
CA LEU A 364 4.79 3.01 -24.57
C LEU A 364 5.91 3.31 -25.56
N ALA A 365 6.86 2.37 -25.76
CA ALA A 365 8.08 2.62 -26.53
C ALA A 365 7.90 2.55 -28.05
N GLN A 366 6.81 1.99 -28.55
CA GLN A 366 6.62 1.83 -29.98
C GLN A 366 5.24 2.33 -30.40
N SER A 367 5.14 2.80 -31.65
CA SER A 367 3.86 3.30 -32.16
C SER A 367 2.84 2.18 -32.29
N GLU A 368 3.28 0.98 -32.66
CA GLU A 368 2.37 -0.14 -32.84
C GLU A 368 1.57 -0.45 -31.57
N THR A 369 2.16 -0.18 -30.40
CA THR A 369 1.57 -0.57 -29.12
C THR A 369 1.00 0.60 -28.31
N ASN A 370 1.44 1.83 -28.57
CA ASN A 370 1.14 2.97 -27.68
C ASN A 370 -0.29 3.49 -27.81
N ILE A 402 -3.85 25.27 8.82
CA ILE A 402 -4.52 24.25 8.01
C ILE A 402 -5.31 23.30 8.93
N VAL A 403 -6.54 22.97 8.54
CA VAL A 403 -7.40 22.09 9.33
C VAL A 403 -8.00 21.03 8.42
N TRP A 404 -8.15 19.82 8.97
CA TRP A 404 -8.78 18.70 8.30
C TRP A 404 -9.52 17.88 9.36
N PRO A 405 -10.55 17.14 8.96
CA PRO A 405 -11.30 16.35 9.95
C PRO A 405 -10.42 15.29 10.62
N GLU A 406 -10.81 14.93 11.84
CA GLU A 406 -10.09 13.88 12.57
C GLU A 406 -10.40 12.52 11.94
N PRO A 407 -9.39 11.68 11.70
CA PRO A 407 -9.67 10.34 11.14
C PRO A 407 -10.56 9.51 12.05
N LEU A 408 -11.50 8.79 11.44
CA LEU A 408 -12.43 7.94 12.17
C LEU A 408 -11.68 6.77 12.84
N LYS A 409 -12.39 6.08 13.72
CA LYS A 409 -11.80 4.96 14.44
C LYS A 409 -11.63 3.75 13.52
N ARG A 410 -10.53 3.02 13.70
CA ARG A 410 -10.31 1.76 13.03
C ARG A 410 -10.09 0.66 14.08
N MET A 411 -10.72 -0.50 13.88
CA MET A 411 -10.58 -1.56 14.87
C MET A 411 -10.86 -2.90 14.23
N PRO A 412 -10.13 -3.95 14.60
CA PRO A 412 -10.35 -5.26 13.96
C PRO A 412 -11.66 -5.89 14.41
N ALA A 413 -12.33 -6.55 13.46
CA ALA A 413 -13.56 -7.26 13.77
C ALA A 413 -13.30 -8.42 14.73
N SER A 414 -14.24 -8.66 15.64
CA SER A 414 -14.13 -9.77 16.60
C SER A 414 -13.76 -11.06 15.90
N VAL A 415 -14.59 -11.46 14.93
CA VAL A 415 -14.28 -12.49 13.95
C VAL A 415 -14.14 -11.79 12.61
N ARG A 416 -12.94 -11.81 12.04
CA ARG A 416 -12.71 -11.08 10.80
C ARG A 416 -13.49 -11.70 9.64
N THR A 417 -13.43 -13.02 9.50
CA THR A 417 -13.95 -13.72 8.33
C THR A 417 -14.84 -14.87 8.76
N VAL A 418 -16.08 -14.89 8.27
CA VAL A 418 -16.97 -16.02 8.47
C VAL A 418 -17.05 -16.81 7.17
N VAL A 419 -17.12 -18.14 7.29
CA VAL A 419 -17.06 -19.05 6.14
C VAL A 419 -18.26 -20.00 6.19
N VAL A 420 -18.84 -20.27 5.03
CA VAL A 420 -19.92 -21.25 4.94
C VAL A 420 -19.56 -22.27 3.88
N PRO A 421 -18.78 -23.31 4.22
CA PRO A 421 -18.46 -24.36 3.26
C PRO A 421 -19.70 -25.18 2.94
N PRO A 422 -19.63 -26.09 1.97
CA PRO A 422 -20.78 -26.98 1.72
C PRO A 422 -21.14 -27.74 2.97
N PRO A 423 -22.40 -28.20 3.07
CA PRO A 423 -22.84 -28.87 4.31
C PRO A 423 -21.96 -30.07 4.66
N GLY A 424 -21.54 -30.12 5.93
CA GLY A 424 -20.73 -31.20 6.44
C GLY A 424 -19.22 -30.97 6.35
N VAL A 425 -18.76 -30.21 5.35
CA VAL A 425 -17.33 -30.00 5.17
C VAL A 425 -16.80 -29.12 6.28
N GLU A 426 -15.89 -29.65 7.09
CA GLU A 426 -15.19 -28.89 8.10
C GLU A 426 -13.78 -28.59 7.62
N LEU A 427 -13.28 -27.40 7.92
CA LEU A 427 -11.95 -27.00 7.51
C LEU A 427 -11.15 -26.50 8.71
N THR A 428 -9.83 -26.55 8.57
CA THR A 428 -8.94 -25.96 9.57
C THR A 428 -8.88 -24.45 9.28
N LEU A 429 -9.54 -23.66 10.13
CA LEU A 429 -9.65 -22.22 9.96
C LEU A 429 -8.59 -21.48 10.77
N PRO A 430 -8.08 -20.37 10.23
CA PRO A 430 -7.27 -19.46 11.06
C PRO A 430 -8.06 -19.00 12.29
N LYS A 431 -7.32 -18.53 13.30
CA LYS A 431 -7.92 -18.24 14.59
C LYS A 431 -8.90 -17.07 14.54
N ASN A 432 -8.87 -16.27 13.47
CA ASN A 432 -9.78 -15.14 13.32
C ASN A 432 -10.89 -15.40 12.30
N CYS A 433 -11.11 -16.66 11.95
CA CYS A 433 -12.24 -17.07 11.13
C CYS A 433 -13.21 -17.92 11.94
N GLN A 434 -14.38 -18.16 11.34
CA GLN A 434 -15.45 -18.86 12.03
C GLN A 434 -16.45 -19.35 11.00
N HIS A 435 -17.05 -20.52 11.28
CA HIS A 435 -18.06 -21.08 10.40
C HIS A 435 -19.35 -20.26 10.50
N SER A 436 -20.24 -20.48 9.52
CA SER A 436 -21.46 -19.68 9.28
C SER A 436 -22.04 -18.94 10.49
N ILE A 439 -28.17 -19.62 11.67
CA ILE A 439 -29.15 -19.27 10.64
C ILE A 439 -30.51 -19.04 11.31
N SER A 440 -30.80 -17.79 11.65
CA SER A 440 -31.84 -17.45 12.61
C SER A 440 -33.24 -17.66 12.04
N GLU A 441 -34.25 -17.28 12.85
CA GLU A 441 -35.64 -17.30 12.44
C GLU A 441 -36.04 -16.01 11.71
N SER A 442 -35.55 -14.87 12.19
CA SER A 442 -35.64 -13.63 11.44
C SER A 442 -35.21 -13.83 9.99
N THR A 443 -34.04 -14.45 9.81
CA THR A 443 -33.48 -14.66 8.48
C THR A 443 -34.34 -15.61 7.66
N ALA A 444 -34.79 -16.71 8.27
CA ALA A 444 -35.55 -17.71 7.54
C ALA A 444 -36.88 -17.16 7.04
N LYS A 445 -37.50 -16.26 7.80
CA LYS A 445 -38.71 -15.59 7.29
C LYS A 445 -38.40 -14.72 6.08
N GLU A 446 -37.27 -14.00 6.10
CA GLU A 446 -36.86 -13.20 4.95
C GLU A 446 -36.67 -14.06 3.70
N VAL A 447 -36.05 -15.23 3.85
CA VAL A 447 -35.82 -16.09 2.69
C VAL A 447 -37.15 -16.55 2.10
N GLN A 448 -38.11 -16.89 2.96
CA GLN A 448 -39.42 -17.31 2.45
C GLN A 448 -40.14 -16.15 1.76
N ARG A 449 -40.08 -14.95 2.36
CA ARG A 449 -40.61 -13.76 1.71
C ARG A 449 -40.00 -13.58 0.33
N ILE A 450 -38.67 -13.60 0.25
CA ILE A 450 -37.96 -13.44 -1.02
C ILE A 450 -38.37 -14.56 -1.99
N ARG A 451 -38.50 -15.80 -1.49
CA ARG A 451 -38.90 -16.91 -2.35
C ARG A 451 -40.28 -16.69 -2.93
N ASP A 452 -41.26 -16.39 -2.06
CA ASP A 452 -42.66 -16.29 -2.49
C ASP A 452 -42.94 -15.05 -3.30
N LYS A 453 -41.97 -14.16 -3.49
CA LYS A 453 -42.12 -12.98 -4.34
C LYS A 453 -41.35 -13.09 -5.64
N HIS A 454 -40.08 -13.52 -5.60
CA HIS A 454 -39.21 -13.45 -6.77
C HIS A 454 -38.80 -14.80 -7.34
N PHE A 455 -38.83 -15.87 -6.55
CA PHE A 455 -38.49 -17.21 -7.02
C PHE A 455 -39.61 -18.14 -6.57
N HIS A 456 -40.74 -18.05 -7.28
CA HIS A 456 -41.93 -18.83 -6.92
C HIS A 456 -41.63 -20.33 -6.97
N ASP A 457 -41.09 -20.79 -8.09
CA ASP A 457 -40.86 -22.20 -8.34
C ASP A 457 -39.62 -22.76 -7.64
N LEU A 458 -39.08 -22.10 -6.62
CA LEU A 458 -37.86 -22.56 -5.97
C LEU A 458 -38.20 -23.42 -4.76
N THR A 459 -37.70 -24.66 -4.79
CA THR A 459 -37.85 -25.62 -3.68
C THR A 459 -36.55 -26.29 -3.29
N ASP A 460 -35.56 -26.36 -4.19
CA ASP A 460 -34.21 -26.82 -3.89
C ASP A 460 -33.72 -26.23 -2.57
N GLN A 461 -33.89 -26.97 -1.48
CA GLN A 461 -33.54 -26.45 -0.15
C GLN A 461 -32.04 -26.29 0.05
N ASN A 462 -31.20 -26.66 -0.94
CA ASN A 462 -29.79 -26.34 -0.87
C ASN A 462 -29.52 -24.91 -1.31
N ILE A 463 -30.14 -24.49 -2.42
CA ILE A 463 -30.16 -23.07 -2.78
C ILE A 463 -30.78 -22.25 -1.65
N LEU A 464 -31.95 -22.66 -1.18
CA LEU A 464 -32.61 -21.94 -0.10
C LEU A 464 -31.76 -21.89 1.16
N ARG A 465 -30.88 -22.87 1.34
CA ARG A 465 -29.91 -22.80 2.43
C ARG A 465 -28.92 -21.67 2.19
N SER A 466 -28.35 -21.60 0.98
CA SER A 466 -27.34 -20.59 0.70
C SER A 466 -27.92 -19.19 0.82
N LEU A 467 -29.21 -19.01 0.52
CA LEU A 467 -29.83 -17.71 0.70
C LEU A 467 -29.88 -17.31 2.17
N GLY A 468 -30.18 -18.27 3.06
CA GLY A 468 -30.09 -17.97 4.47
C GLY A 468 -28.68 -17.68 4.92
N ASN A 469 -27.70 -18.34 4.30
CA ASN A 469 -26.30 -18.09 4.66
C ASN A 469 -25.86 -16.72 4.17
N ILE A 470 -26.20 -16.37 2.93
CA ILE A 470 -25.84 -15.06 2.38
C ILE A 470 -26.43 -13.94 3.24
N ILE A 471 -27.73 -14.02 3.53
CA ILE A 471 -28.37 -12.98 4.32
C ILE A 471 -27.78 -12.95 5.72
N SER A 472 -27.57 -14.13 6.32
CA SER A 472 -26.99 -14.17 7.66
C SER A 472 -25.58 -13.59 7.68
N VAL A 473 -24.77 -13.92 6.68
CA VAL A 473 -23.40 -13.41 6.65
C VAL A 473 -23.39 -11.90 6.40
N LEU A 474 -24.20 -11.43 5.43
CA LEU A 474 -24.23 -10.00 5.12
C LEU A 474 -24.68 -9.18 6.31
N ASP A 475 -25.67 -9.68 7.06
CA ASP A 475 -26.17 -8.94 8.22
C ASP A 475 -25.08 -8.79 9.27
N ARG A 476 -24.27 -9.84 9.48
CA ARG A 476 -23.13 -9.72 10.38
C ARG A 476 -22.09 -8.74 9.84
N MET A 477 -21.87 -8.76 8.52
CA MET A 477 -20.90 -7.84 7.92
C MET A 477 -21.33 -6.39 8.05
N MET A 478 -22.59 -6.09 7.67
CA MET A 478 -23.05 -4.70 7.60
C MET A 478 -23.46 -4.16 8.97
N ARG A 479 -24.19 -4.93 9.76
CA ARG A 479 -24.68 -4.43 11.05
C ARG A 479 -23.59 -4.50 12.12
N SER A 480 -23.03 -5.68 12.32
CA SER A 480 -22.06 -5.88 13.38
C SER A 480 -20.69 -5.33 13.00
N ASP A 481 -20.05 -4.67 13.96
CA ASP A 481 -18.61 -4.44 13.90
C ASP A 481 -17.82 -5.71 14.17
N GLU A 482 -18.51 -6.80 14.55
CA GLU A 482 -17.83 -8.03 14.95
C GLU A 482 -17.35 -8.84 13.76
N VAL A 483 -17.98 -8.70 12.59
CA VAL A 483 -17.58 -9.42 11.38
C VAL A 483 -17.29 -8.42 10.28
N CYS A 484 -16.17 -8.62 9.58
CA CYS A 484 -15.73 -7.73 8.52
C CYS A 484 -16.09 -8.24 7.13
N ASN A 485 -15.74 -9.48 6.81
CA ASN A 485 -16.02 -10.05 5.50
C ASN A 485 -16.36 -11.52 5.67
N GLY A 486 -16.56 -12.20 4.55
CA GLY A 486 -17.05 -13.56 4.60
C GLY A 486 -16.96 -14.21 3.24
N CYS A 487 -17.16 -15.51 3.24
CA CYS A 487 -17.17 -16.27 2.00
C CYS A 487 -18.19 -17.40 2.11
N VAL A 488 -19.03 -17.54 1.09
CA VAL A 488 -20.07 -18.56 1.07
C VAL A 488 -19.92 -19.36 -0.22
N VAL A 489 -19.95 -20.69 -0.10
CA VAL A 489 -20.00 -21.60 -1.25
C VAL A 489 -21.45 -21.78 -1.65
N VAL A 490 -21.76 -21.60 -2.94
CA VAL A 490 -23.12 -21.68 -3.45
C VAL A 490 -23.14 -22.64 -4.64
N SER A 491 -24.36 -22.97 -5.07
CA SER A 491 -24.60 -23.89 -6.19
C SER A 491 -25.21 -23.18 -7.40
N ASP A 492 -26.22 -22.33 -7.18
CA ASP A 492 -26.92 -21.62 -8.24
C ASP A 492 -26.52 -20.15 -8.15
N LEU A 493 -25.81 -19.67 -9.18
CA LEU A 493 -25.30 -18.31 -9.14
C LEU A 493 -26.41 -17.27 -9.21
N SER A 494 -27.38 -17.47 -10.11
CA SER A 494 -28.36 -16.42 -10.39
C SER A 494 -29.11 -16.00 -9.13
N VAL A 495 -29.75 -16.95 -8.46
CA VAL A 495 -30.50 -16.63 -7.25
C VAL A 495 -29.57 -16.12 -6.17
N SER A 496 -28.38 -16.71 -6.07
CA SER A 496 -27.40 -16.29 -5.07
C SER A 496 -27.01 -14.83 -5.30
N VAL A 497 -26.61 -14.50 -6.52
CA VAL A 497 -26.12 -13.16 -6.82
C VAL A 497 -27.23 -12.13 -6.61
N GLN A 498 -28.43 -12.42 -7.13
CA GLN A 498 -29.55 -11.52 -6.96
C GLN A 498 -29.82 -11.23 -5.50
N CYS A 499 -29.89 -12.28 -4.68
CA CYS A 499 -30.21 -12.11 -3.27
CA CYS A 499 -30.22 -12.09 -3.28
C CYS A 499 -29.11 -11.35 -2.55
N ALA A 500 -27.85 -11.67 -2.83
CA ALA A 500 -26.75 -10.95 -2.22
C ALA A 500 -26.78 -9.47 -2.60
N LEU A 501 -26.84 -9.20 -3.90
CA LEU A 501 -26.81 -7.82 -4.38
C LEU A 501 -28.02 -7.03 -3.86
N GLN A 502 -29.22 -7.58 -4.04
CA GLN A 502 -30.43 -6.86 -3.66
C GLN A 502 -30.52 -6.65 -2.15
N HIS A 503 -30.01 -7.59 -1.37
CA HIS A 503 -30.03 -7.39 0.08
C HIS A 503 -29.03 -6.31 0.49
N ALA A 504 -27.89 -6.24 -0.20
CA ALA A 504 -26.92 -5.18 0.05
C ALA A 504 -27.48 -3.82 -0.33
N LEU A 505 -28.17 -3.73 -1.47
CA LEU A 505 -28.63 -2.43 -1.98
C LEU A 505 -29.78 -1.84 -1.17
N THR A 506 -30.52 -2.66 -0.41
CA THR A 506 -31.61 -2.15 0.40
C THR A 506 -31.23 -1.95 1.86
N GLU A 507 -30.06 -2.43 2.28
CA GLU A 507 -29.65 -2.31 3.68
C GLU A 507 -29.73 -0.90 4.26
N PRO A 508 -29.29 0.18 3.57
CA PRO A 508 -28.66 0.26 2.25
C PRO A 508 -27.13 0.31 2.30
N ALA A 509 -26.51 -0.26 1.27
CA ALA A 509 -25.13 0.04 0.90
C ALA A 509 -25.23 0.94 -0.33
N GLU A 510 -24.82 2.21 -0.17
CA GLU A 510 -25.03 3.18 -1.24
C GLU A 510 -24.50 2.68 -2.57
N ARG A 511 -23.34 2.01 -2.55
CA ARG A 511 -22.72 1.52 -3.78
C ARG A 511 -22.10 0.15 -3.53
N VAL A 512 -22.18 -0.69 -4.56
CA VAL A 512 -21.69 -2.07 -4.49
C VAL A 512 -20.78 -2.30 -5.69
N LEU A 513 -19.57 -2.79 -5.43
CA LEU A 513 -18.64 -3.18 -6.48
C LEU A 513 -18.72 -4.69 -6.63
N VAL A 514 -19.01 -5.16 -7.84
CA VAL A 514 -19.09 -6.58 -8.13
C VAL A 514 -17.87 -6.97 -8.94
N VAL A 515 -17.17 -8.02 -8.50
CA VAL A 515 -16.02 -8.58 -9.21
C VAL A 515 -16.37 -10.01 -9.56
N TYR A 516 -16.52 -10.28 -10.85
CA TYR A 516 -17.05 -11.55 -11.34
C TYR A 516 -16.00 -12.23 -12.21
N VAL A 517 -15.63 -13.45 -11.84
CA VAL A 517 -14.73 -14.27 -12.66
C VAL A 517 -15.59 -15.36 -13.28
N GLY A 518 -15.86 -15.24 -14.57
CA GLY A 518 -16.71 -16.17 -15.28
C GLY A 518 -17.31 -15.52 -16.51
N ASP A 519 -17.99 -16.34 -17.29
CA ASP A 519 -18.65 -15.89 -18.51
C ASP A 519 -20.17 -15.87 -18.32
N GLY A 520 -20.84 -15.27 -19.29
CA GLY A 520 -22.28 -15.10 -19.20
C GLY A 520 -22.66 -13.79 -18.56
N GLU A 521 -23.97 -13.56 -18.50
CA GLU A 521 -24.53 -12.36 -17.90
C GLU A 521 -25.17 -12.72 -16.57
N LEU A 522 -25.00 -11.84 -15.59
CA LEU A 522 -25.56 -12.03 -14.26
C LEU A 522 -26.76 -11.14 -14.06
N PRO A 523 -27.64 -11.48 -13.12
CA PRO A 523 -28.73 -10.56 -12.78
C PRO A 523 -28.22 -9.30 -12.09
N VAL A 524 -27.38 -8.53 -12.78
CA VAL A 524 -26.79 -7.30 -12.24
C VAL A 524 -27.07 -6.16 -13.22
N LYS A 525 -27.80 -5.15 -12.76
CA LYS A 525 -28.10 -3.98 -13.57
C LYS A 525 -27.14 -2.85 -13.19
N THR A 526 -26.40 -2.34 -14.17
CA THR A 526 -25.42 -1.30 -13.90
C THR A 526 -25.80 0.01 -14.58
N ASN A 527 -27.06 0.42 -14.44
CA ASN A 527 -27.56 1.59 -15.14
C ASN A 527 -27.67 2.83 -14.27
N ASP A 528 -27.85 2.69 -12.95
CA ASP A 528 -28.18 3.82 -12.09
C ASP A 528 -27.01 4.30 -11.24
N GLY A 529 -25.80 3.77 -11.46
CA GLY A 529 -24.65 4.25 -10.73
C GLY A 529 -24.42 3.65 -9.37
N LYS A 530 -25.29 2.76 -8.88
CA LYS A 530 -25.07 2.18 -7.57
C LYS A 530 -24.22 0.91 -7.63
N VAL A 531 -23.98 0.38 -8.82
CA VAL A 531 -23.22 -0.85 -9.01
C VAL A 531 -22.16 -0.60 -10.08
N PHE A 532 -20.94 -1.05 -9.83
CA PHE A 532 -19.92 -1.19 -10.86
C PHE A 532 -19.57 -2.66 -10.99
N LEU A 533 -19.50 -3.16 -12.22
CA LEU A 533 -19.26 -4.56 -12.50
C LEU A 533 -17.91 -4.73 -13.19
N VAL A 534 -16.95 -5.30 -12.48
CA VAL A 534 -15.72 -5.81 -13.10
C VAL A 534 -15.93 -7.27 -13.42
N GLN A 535 -15.71 -7.66 -14.68
CA GLN A 535 -15.91 -9.04 -15.11
C GLN A 535 -14.64 -9.53 -15.81
N ILE A 536 -14.07 -10.63 -15.31
CA ILE A 536 -12.94 -11.32 -15.94
C ILE A 536 -13.51 -12.50 -16.70
N CYS A 537 -13.44 -12.46 -18.03
CA CYS A 537 -14.07 -13.50 -18.83
C CYS A 537 -13.12 -14.03 -19.90
N THR A 538 -13.67 -14.77 -20.86
CA THR A 538 -12.88 -15.34 -21.95
C THR A 538 -13.40 -14.97 -23.33
N LYS A 539 -14.48 -14.20 -23.42
CA LYS A 539 -15.17 -13.99 -24.70
C LYS A 539 -15.12 -12.56 -25.20
N GLU A 540 -15.33 -11.58 -24.31
CA GLU A 540 -15.55 -10.14 -24.57
C GLU A 540 -17.05 -9.82 -24.57
N GLU A 542 -17.59 -5.47 -26.56
CA GLU A 542 -18.27 -6.22 -25.51
C GLU A 542 -19.51 -5.48 -25.05
N ASP A 543 -19.31 -4.27 -24.52
CA ASP A 543 -20.42 -3.45 -24.05
C ASP A 543 -20.04 -1.98 -24.14
N LYS A 544 -21.07 -1.14 -24.05
CA LYS A 544 -20.90 0.31 -24.09
C LYS A 544 -21.15 0.96 -22.73
N CYS A 545 -21.48 0.19 -21.71
CA CYS A 545 -21.75 0.78 -20.40
C CYS A 545 -20.45 1.22 -19.75
N VAL A 546 -20.45 2.45 -19.22
CA VAL A 546 -19.28 2.99 -18.53
C VAL A 546 -19.24 2.57 -17.06
N ASN A 547 -20.28 1.89 -16.55
CA ASN A 547 -20.26 1.33 -15.22
C ASN A 547 -19.83 -0.12 -15.22
N ARG A 548 -18.98 -0.49 -16.17
CA ARG A 548 -18.65 -1.89 -16.40
C ARG A 548 -17.26 -1.96 -17.01
N LEU A 549 -16.45 -2.88 -16.49
CA LEU A 549 -15.09 -3.12 -16.97
C LEU A 549 -14.99 -4.60 -17.27
N THR A 550 -14.91 -4.93 -18.55
CA THR A 550 -14.83 -6.31 -19.01
C THR A 550 -13.44 -6.59 -19.53
N LEU A 551 -12.81 -7.64 -19.00
CA LEU A 551 -11.42 -7.97 -19.27
C LEU A 551 -11.39 -9.40 -19.82
N CYS A 552 -11.21 -9.51 -21.13
CA CYS A 552 -11.10 -10.80 -21.80
C CYS A 552 -9.61 -11.09 -21.98
N LEU A 553 -9.08 -11.94 -21.11
CA LEU A 553 -7.66 -12.25 -21.12
C LEU A 553 -7.42 -13.56 -21.86
N ARG A 554 -6.53 -13.53 -22.85
CA ARG A 554 -6.19 -14.72 -23.61
C ARG A 554 -5.66 -15.80 -22.68
N GLU A 555 -6.06 -17.05 -22.95
CA GLU A 555 -5.54 -18.18 -22.18
C GLU A 555 -4.06 -18.39 -22.49
N GLY A 556 -3.33 -18.82 -21.48
CA GLY A 556 -1.92 -19.12 -21.67
C GLY A 556 -1.10 -18.79 -20.44
N GLU A 557 0.21 -18.92 -20.61
CA GLU A 557 1.16 -18.75 -19.52
C GLU A 557 1.35 -17.29 -19.12
N SER A 558 0.90 -16.34 -19.94
CA SER A 558 1.07 -14.93 -19.64
C SER A 558 -0.15 -14.31 -18.98
N LEU A 559 -1.11 -15.11 -18.53
CA LEU A 559 -2.31 -14.53 -17.95
C LEU A 559 -2.04 -13.92 -16.58
N THR A 560 -1.11 -14.50 -15.82
CA THR A 560 -0.81 -13.94 -14.50
C THR A 560 -0.26 -12.52 -14.62
N ALA A 561 0.68 -12.29 -15.53
CA ALA A 561 1.17 -10.93 -15.76
C ALA A 561 0.06 -10.03 -16.29
N GLY A 562 -0.80 -10.56 -17.16
CA GLY A 562 -1.88 -9.74 -17.69
C GLY A 562 -2.89 -9.37 -16.63
N PHE A 563 -3.27 -10.34 -15.80
CA PHE A 563 -4.24 -10.06 -14.75
C PHE A 563 -3.72 -9.03 -13.77
N MET A 564 -2.48 -9.22 -13.29
CA MET A 564 -1.88 -8.23 -12.37
C MET A 564 -1.81 -6.85 -13.02
N GLN A 565 -1.50 -6.80 -14.32
CA GLN A 565 -1.46 -5.50 -15.00
C GLN A 565 -2.84 -4.84 -15.02
N ALA A 566 -3.89 -5.63 -15.31
CA ALA A 566 -5.26 -5.10 -15.27
C ALA A 566 -5.65 -4.69 -13.85
N LEU A 567 -5.21 -5.47 -12.85
CA LEU A 567 -5.63 -5.21 -11.47
C LEU A 567 -5.12 -3.87 -10.98
N LEU A 568 -3.82 -3.60 -11.21
CA LEU A 568 -3.22 -2.37 -10.68
C LEU A 568 -3.55 -1.15 -11.54
N GLY A 569 -3.63 -1.32 -12.86
CA GLY A 569 -3.77 -0.18 -13.76
C GLY A 569 -5.20 0.13 -14.18
N LEU A 570 -6.13 -0.80 -13.93
CA LEU A 570 -7.53 -0.60 -14.29
C LEU A 570 -8.48 -0.87 -13.14
N ILE A 571 -8.43 -2.07 -12.55
CA ILE A 571 -9.44 -2.44 -11.55
C ILE A 571 -9.33 -1.57 -10.31
N LEU A 572 -8.13 -1.46 -9.75
CA LEU A 572 -7.97 -0.66 -8.53
C LEU A 572 -8.24 0.82 -8.74
N PRO A 573 -7.75 1.48 -9.80
CA PRO A 573 -8.15 2.89 -10.00
C PRO A 573 -9.65 3.11 -10.04
N VAL A 574 -10.38 2.29 -10.79
CA VAL A 574 -11.83 2.47 -10.86
C VAL A 574 -12.47 2.17 -9.51
N ALA A 575 -12.09 1.05 -8.90
CA ALA A 575 -12.68 0.68 -7.61
C ALA A 575 -12.47 1.77 -6.59
N TYR A 576 -11.26 2.32 -6.54
CA TYR A 576 -10.99 3.39 -5.57
C TYR A 576 -11.83 4.63 -5.85
N GLU A 577 -11.98 5.03 -7.11
CA GLU A 577 -12.80 6.20 -7.40
C GLU A 577 -14.28 5.92 -7.11
N PHE A 578 -14.78 4.76 -7.52
CA PHE A 578 -16.16 4.36 -7.22
C PHE A 578 -16.47 4.44 -5.72
N ASN A 579 -15.53 3.97 -4.88
CA ASN A 579 -15.69 3.99 -3.42
C ASN A 579 -16.91 3.19 -2.96
N PRO A 580 -16.94 1.88 -3.16
CA PRO A 580 -18.13 1.10 -2.79
C PRO A 580 -18.26 0.95 -1.28
N ALA A 581 -19.49 0.64 -0.84
CA ALA A 581 -19.74 0.28 0.54
C ALA A 581 -19.66 -1.23 0.78
N LEU A 582 -19.72 -2.02 -0.28
CA LEU A 582 -19.55 -3.46 -0.21
C LEU A 582 -18.91 -3.91 -1.50
N VAL A 583 -18.11 -4.97 -1.41
CA VAL A 583 -17.54 -5.64 -2.57
C VAL A 583 -18.13 -7.04 -2.62
N LEU A 584 -18.64 -7.42 -3.78
CA LEU A 584 -19.23 -8.73 -4.00
C LEU A 584 -18.35 -9.50 -4.98
N GLY A 585 -17.66 -10.52 -4.48
CA GLY A 585 -16.85 -11.38 -5.34
C GLY A 585 -17.64 -12.61 -5.77
N ILE A 586 -17.50 -12.96 -7.04
CA ILE A 586 -18.25 -14.05 -7.65
C ILE A 586 -17.32 -14.84 -8.57
N VAL A 587 -17.23 -16.15 -8.36
CA VAL A 587 -16.38 -17.01 -9.18
C VAL A 587 -17.25 -18.13 -9.75
N GLU A 588 -17.34 -18.17 -11.07
CA GLU A 588 -18.02 -19.25 -11.75
C GLU A 588 -17.25 -20.56 -11.56
N GLU A 589 -17.97 -21.67 -11.54
CA GLU A 589 -17.33 -22.94 -11.20
C GLU A 589 -16.42 -23.43 -12.33
N THR A 590 -16.82 -23.20 -13.58
CA THR A 590 -16.00 -23.61 -14.71
C THR A 590 -14.58 -23.05 -14.61
N ALA A 591 -14.45 -21.81 -14.16
CA ALA A 591 -13.13 -21.20 -13.96
C ALA A 591 -12.46 -21.74 -12.71
N ARG A 595 -6.43 -20.35 -14.59
CA ARG A 595 -5.24 -19.98 -13.84
C ARG A 595 -5.59 -19.00 -12.72
N LEU A 596 -6.72 -19.26 -12.06
CA LEU A 596 -7.23 -18.35 -11.03
C LEU A 596 -6.38 -18.40 -9.77
N MET A 597 -5.96 -19.61 -9.37
CA MET A 597 -5.28 -19.81 -8.10
C MET A 597 -4.05 -18.90 -7.94
N ARG A 598 -3.43 -18.50 -9.05
CA ARG A 598 -2.17 -17.78 -8.93
C ARG A 598 -2.38 -16.33 -8.52
N VAL A 599 -3.55 -15.74 -8.82
CA VAL A 599 -3.77 -14.31 -8.63
C VAL A 599 -4.93 -13.99 -7.70
N TRP A 600 -5.80 -14.96 -7.40
CA TRP A 600 -6.98 -14.67 -6.60
C TRP A 600 -6.60 -14.08 -5.25
N GLY A 601 -5.52 -14.58 -4.65
CA GLY A 601 -5.13 -14.11 -3.32
C GLY A 601 -4.68 -12.67 -3.32
N HIS A 602 -3.93 -12.26 -4.35
CA HIS A 602 -3.53 -10.86 -4.46
C HIS A 602 -4.74 -9.96 -4.65
N MET A 603 -5.72 -10.41 -5.43
CA MET A 603 -6.88 -9.56 -5.67
C MET A 603 -7.69 -9.36 -4.40
N THR A 604 -8.03 -10.46 -3.70
CA THR A 604 -8.89 -10.26 -2.54
C THR A 604 -8.15 -9.54 -1.43
N CYS A 605 -6.83 -9.65 -1.37
CA CYS A 605 -6.08 -8.82 -0.42
C CYS A 605 -6.16 -7.34 -0.82
N LEU A 606 -5.85 -7.00 -2.07
CA LEU A 606 -5.82 -5.59 -2.48
C LEU A 606 -7.21 -4.96 -2.53
N ILE A 607 -8.21 -5.71 -3.00
CA ILE A 607 -9.58 -5.18 -3.05
C ILE A 607 -10.13 -4.90 -1.66
N GLN A 608 -9.49 -5.41 -0.60
CA GLN A 608 -9.95 -5.03 0.73
C GLN A 608 -9.56 -3.61 1.10
N GLY A 609 -8.83 -2.89 0.24
CA GLY A 609 -8.71 -1.46 0.44
C GLY A 609 -10.01 -0.71 0.23
N LEU A 610 -10.99 -1.33 -0.41
CA LEU A 610 -12.31 -0.74 -0.63
C LEU A 610 -13.29 -1.19 0.44
N ALA A 611 -14.27 -0.33 0.73
CA ALA A 611 -15.41 -0.68 1.58
C ALA A 611 -15.00 -1.14 2.98
N ARG A 612 -13.92 -0.57 3.53
CA ARG A 612 -13.40 -0.97 4.85
C ARG A 612 -13.17 -2.48 4.94
N GLY A 613 -12.80 -3.10 3.83
CA GLY A 613 -12.55 -4.53 3.82
C GLY A 613 -13.79 -5.39 3.76
N ARG A 614 -14.97 -4.78 3.63
CA ARG A 614 -16.24 -5.50 3.67
C ARG A 614 -16.50 -6.15 2.33
N MET A 615 -16.09 -7.41 2.21
CA MET A 615 -16.18 -8.17 0.98
C MET A 615 -16.92 -9.48 1.22
N LEU A 616 -17.90 -9.78 0.38
CA LEU A 616 -18.56 -11.07 0.38
C LEU A 616 -18.21 -11.79 -0.91
N THR A 617 -17.59 -12.95 -0.79
CA THR A 617 -17.23 -13.75 -1.95
C THR A 617 -18.14 -14.96 -2.05
N LEU A 618 -18.73 -15.17 -3.23
CA LEU A 618 -19.55 -16.33 -3.53
C LEU A 618 -18.75 -17.24 -4.45
N LEU A 619 -18.44 -18.45 -3.98
CA LEU A 619 -17.75 -19.46 -4.77
C LEU A 619 -18.78 -20.48 -5.24
N GLN A 620 -18.91 -20.63 -6.55
CA GLN A 620 -19.83 -21.62 -7.09
C GLN A 620 -19.13 -22.98 -7.14
N GLY A 621 -19.65 -23.95 -6.41
CA GLY A 621 -19.04 -25.26 -6.30
C GLY A 621 -17.93 -25.29 -5.26
N TYR A 622 -17.68 -26.48 -4.73
CA TYR A 622 -16.62 -26.67 -3.75
C TYR A 622 -15.30 -26.89 -4.45
N ASP A 623 -14.32 -26.04 -4.12
CA ASP A 623 -12.91 -26.29 -4.43
C ASP A 623 -12.15 -26.03 -3.14
N LYS A 624 -11.56 -27.08 -2.56
CA LYS A 624 -10.90 -26.93 -1.27
C LYS A 624 -9.80 -25.87 -1.32
N ASP A 625 -8.99 -25.88 -2.39
CA ASP A 625 -7.86 -24.96 -2.47
C ASP A 625 -8.32 -23.52 -2.66
N LEU A 626 -9.26 -23.29 -3.58
CA LEU A 626 -9.73 -21.93 -3.82
C LEU A 626 -10.44 -21.38 -2.59
N LEU A 627 -11.21 -22.23 -1.90
CA LEU A 627 -11.91 -21.78 -0.71
C LEU A 627 -10.94 -21.47 0.42
N GLU A 628 -9.89 -22.28 0.57
CA GLU A 628 -8.92 -22.02 1.63
C GLU A 628 -8.10 -20.76 1.34
N LEU A 629 -7.75 -20.55 0.07
CA LEU A 629 -6.98 -19.34 -0.27
C LEU A 629 -7.84 -18.08 -0.11
N THR A 630 -9.11 -18.15 -0.54
CA THR A 630 -10.04 -17.04 -0.32
C THR A 630 -10.15 -16.70 1.17
N VAL A 631 -10.37 -17.72 2.01
CA VAL A 631 -10.49 -17.44 3.45
C VAL A 631 -9.18 -16.87 3.99
N SER A 632 -8.05 -17.43 3.54
CA SER A 632 -6.76 -16.99 4.03
C SER A 632 -6.53 -15.51 3.72
N ALA A 633 -6.83 -15.10 2.48
CA ALA A 633 -6.61 -13.70 2.12
C ALA A 633 -7.65 -12.79 2.79
N LEU A 634 -8.91 -13.21 2.85
CA LEU A 634 -9.93 -12.41 3.53
C LEU A 634 -9.58 -12.18 5.00
N SER A 635 -8.93 -13.16 5.64
CA SER A 635 -8.61 -13.07 7.05
C SER A 635 -7.34 -12.27 7.33
N GLY A 636 -6.67 -11.78 6.28
CA GLY A 636 -5.51 -10.94 6.49
C GLY A 636 -4.20 -11.69 6.61
N ALA A 637 -4.18 -12.97 6.26
CA ALA A 637 -2.93 -13.71 6.25
C ALA A 637 -2.02 -13.19 5.12
N SER A 638 -0.76 -13.58 5.21
CA SER A 638 0.21 -13.23 4.18
C SER A 638 -0.12 -13.95 2.87
N ILE A 639 0.23 -13.33 1.76
CA ILE A 639 0.00 -13.93 0.44
C ILE A 639 1.34 -14.34 -0.13
N SER A 640 1.39 -15.56 -0.70
CA SER A 640 2.63 -16.05 -1.28
C SER A 640 3.02 -15.21 -2.50
N PRO A 641 4.31 -14.92 -2.67
CA PRO A 641 4.72 -14.07 -3.80
C PRO A 641 4.40 -14.71 -5.14
N LEU A 642 4.35 -13.86 -6.16
CA LEU A 642 4.02 -14.33 -7.51
C LEU A 642 5.22 -14.93 -8.21
N GLY A 643 6.44 -14.54 -7.81
CA GLY A 643 7.61 -14.88 -8.56
C GLY A 643 7.67 -14.09 -9.84
N PRO A 644 8.14 -14.72 -10.92
CA PRO A 644 8.24 -14.12 -12.26
C PRO A 644 7.00 -14.38 -13.11
N ARG A 646 6.72 -12.27 -15.22
CA ARG A 646 7.24 -12.14 -16.58
C ARG A 646 6.55 -11.00 -17.35
N ALA A 647 6.28 -11.23 -18.64
CA ALA A 647 5.74 -10.20 -19.51
C ALA A 647 4.39 -10.63 -20.10
N PRO A 648 3.47 -9.68 -20.28
CA PRO A 648 2.13 -10.01 -20.76
C PRO A 648 2.01 -9.96 -22.27
N LYS A 649 0.92 -10.54 -22.77
CA LYS A 649 0.64 -10.58 -24.20
C LYS A 649 0.37 -9.18 -24.74
N PRO A 650 0.93 -8.83 -25.90
CA PRO A 650 0.59 -7.52 -26.49
C PRO A 650 -0.89 -7.36 -26.77
N GLU A 651 -1.57 -8.43 -27.18
CA GLU A 651 -3.00 -8.36 -27.39
C GLU A 651 -3.75 -8.04 -26.09
N ASP A 652 -3.24 -8.54 -24.95
CA ASP A 652 -3.87 -8.22 -23.66
C ASP A 652 -3.60 -6.77 -23.27
N VAL A 653 -2.38 -6.29 -23.47
CA VAL A 653 -2.05 -4.89 -23.19
C VAL A 653 -2.93 -3.97 -24.05
N GLU A 654 -3.05 -4.31 -25.35
CA GLU A 654 -3.93 -3.56 -26.25
C GLU A 654 -5.37 -3.57 -25.75
N MET A 655 -5.88 -4.74 -25.34
CA MET A 655 -7.22 -4.84 -24.78
C MET A 655 -7.37 -3.96 -23.55
N MET A 656 -6.35 -3.92 -22.69
CA MET A 656 -6.45 -3.15 -21.45
C MET A 656 -6.44 -1.66 -21.72
N GLU A 657 -5.58 -1.20 -22.63
CA GLU A 657 -5.51 0.23 -22.92
C GLU A 657 -6.77 0.73 -23.64
N LYS A 658 -7.39 -0.11 -24.46
CA LYS A 658 -8.69 0.22 -25.04
C LYS A 658 -9.74 0.43 -23.94
N GLN A 659 -9.68 -0.37 -22.87
CA GLN A 659 -10.56 -0.15 -21.74
C GLN A 659 -10.25 1.18 -21.05
N ARG A 660 -8.96 1.48 -20.85
CA ARG A 660 -8.60 2.76 -20.24
C ARG A 660 -9.12 3.93 -21.09
N GLN A 661 -8.92 3.86 -22.41
CA GLN A 661 -9.44 4.91 -23.30
C GLN A 661 -10.94 5.10 -23.11
N ARG A 662 -11.68 4.00 -23.07
CA ARG A 662 -13.13 3.99 -22.98
C ARG A 662 -13.67 4.49 -21.65
N LEU A 663 -12.88 4.41 -20.57
CA LEU A 663 -13.40 4.67 -19.24
C LEU A 663 -12.79 5.88 -18.55
N GLN A 664 -11.63 6.37 -19.00
CA GLN A 664 -10.89 7.35 -18.19
C GLN A 664 -11.54 8.71 -18.20
N GLU A 665 -12.42 9.02 -19.15
CA GLU A 665 -13.13 10.29 -19.10
C GLU A 665 -14.16 10.30 -17.99
N ARG A 666 -14.82 9.17 -17.75
CA ARG A 666 -15.69 9.08 -16.58
C ARG A 666 -14.91 8.85 -15.29
N TRP A 667 -13.90 7.98 -15.33
CA TRP A 667 -13.14 7.59 -14.13
C TRP A 667 -11.72 8.11 -14.28
N GLY A 668 -11.48 9.34 -13.81
CA GLY A 668 -10.21 10.01 -14.09
C GLY A 668 -9.02 9.38 -13.39
N LEU A 669 -9.23 8.63 -12.32
CA LEU A 669 -8.09 8.01 -11.66
C LEU A 669 -7.40 7.00 -12.56
N LEU A 670 -8.08 6.58 -13.63
CA LEU A 670 -7.47 5.73 -14.64
C LEU A 670 -6.38 6.45 -15.44
N ARG A 671 -6.32 7.78 -15.39
CA ARG A 671 -5.48 8.51 -16.35
C ARG A 671 -4.01 8.44 -15.95
N CYS A 672 -3.16 8.17 -16.93
CA CYS A 672 -1.72 8.19 -16.69
C CYS A 672 -1.00 8.97 -17.79
N THR A 673 -1.71 9.91 -18.42
CA THR A 673 -1.16 10.90 -19.34
C THR A 673 -1.95 12.19 -19.16
N VAL A 674 -1.37 13.31 -19.58
CA VAL A 674 -2.13 14.55 -19.63
C VAL A 674 -3.17 14.46 -20.74
N SER A 675 -4.41 14.84 -20.45
CA SER A 675 -5.43 14.83 -21.49
C SER A 675 -5.13 15.87 -22.57
N GLU A 676 -5.56 15.57 -23.79
CA GLU A 676 -5.43 16.52 -24.90
C GLU A 676 -6.54 17.57 -24.79
N SER A 677 -6.15 18.83 -24.65
CA SER A 677 -7.12 19.91 -24.58
C SER A 677 -7.60 20.31 -25.98
N TRP A 678 -8.88 20.70 -26.05
CA TRP A 678 -9.52 21.06 -27.32
C TRP A 678 -8.83 22.26 -27.98
C01 X5A B . 14.07 14.33 7.17
C02 X5A B . 13.64 15.57 6.41
C05 X5A B . 14.22 17.84 5.44
C06 X5A B . 15.37 18.83 5.40
C07 X5A B . 14.82 20.18 4.96
C08 X5A B . 15.89 21.18 4.54
N04 X5A B . 14.60 16.64 6.17
N09 X5A B . 15.25 22.47 4.33
O03 X5A B . 12.51 15.66 6.00
C1 PEG C . 0.61 -8.49 11.55
O1 PEG C . 0.50 -7.86 12.82
C2 PEG C . -0.48 -9.51 11.31
O2 PEG C . -0.47 -10.49 12.35
C3 PEG C . -1.51 -11.45 12.20
C4 PEG C . -1.61 -12.32 13.43
O4 PEG C . -1.90 -11.56 14.59
ZN ZN D . 11.24 14.99 4.33
K K E . 10.69 10.78 -1.08
K K F . 19.37 0.44 -7.51
P PO4 G . 10.74 18.67 -14.78
O1 PO4 G . 9.57 18.63 -15.74
O2 PO4 G . 10.44 17.65 -13.68
O3 PO4 G . 12.00 18.23 -15.48
O4 PO4 G . 10.97 20.03 -14.22
P PO4 H . 3.92 21.87 -14.48
O1 PO4 H . 2.41 22.04 -14.31
O2 PO4 H . 4.34 20.62 -13.73
O3 PO4 H . 4.24 21.70 -15.94
O4 PO4 H . 4.64 23.07 -13.95
P PO4 I . -8.70 4.11 17.22
O1 PO4 I . -9.97 3.36 16.90
O2 PO4 I . -8.87 4.84 18.55
O3 PO4 I . -8.42 5.10 16.10
O4 PO4 I . -7.56 3.12 17.35
NA NA J . 23.39 25.57 7.97
#